data_3THR
#
_entry.id   3THR
#
_cell.length_a   59.186
_cell.length_b   83.788
_cell.length_c   134.436
_cell.angle_alpha   90.00
_cell.angle_beta   91.32
_cell.angle_gamma   90.00
#
_symmetry.space_group_name_H-M   'P 1 21 1'
#
loop_
_entity.id
_entity.type
_entity.pdbx_description
1 polymer 'Glycine N-methyltransferase'
2 non-polymer '5-METHYL-5,6,7,8-TETRAHYDROFOLIC ACID'
3 non-polymer TRIS(HYDROXYETHYL)AMINOMETHANE
4 water water
#
_entity_poly.entity_id   1
_entity_poly.type   'polypeptide(L)'
_entity_poly.pdbx_seq_one_letter_code
;(ACE)VDSVYRTRSLGVAAEGIPDQYADGEAARVWQLYIGDTRSRTAEYKAWLLGLLRQHGCHRVLDVACGTGVDSIMLV
EEGFSVTSVDASDKMLKYALKERWNRRKEPAFDKWVIEEANWLTLDKDVPAGDGFDAVICLGNSFAHLPDSKGDQSEHRL
ALKNIASMVRPGGLLVIDHRNYDYILSTGCAPPGKNIYYKSDLTKDITTSVLTVNNKAHMVTLDYTVQVPGAGRDGAPGF
SKFRLSYYPHCLASFTELVQEAFGGRCQHSVLGDFKPYRPGQAYVPCYFIHVLKKTG
;
_entity_poly.pdbx_strand_id   A,B,C,D
#
# COMPACT_ATOMS: atom_id res chain seq x y z
N VAL A 2 5.90 -2.92 14.40
CA VAL A 2 4.46 -3.04 14.72
C VAL A 2 3.52 -2.67 13.55
N ASP A 3 3.96 -1.82 12.66
CA ASP A 3 3.15 -1.41 11.53
C ASP A 3 3.65 -2.13 10.28
N SER A 4 4.64 -3.01 10.39
CA SER A 4 5.22 -3.55 9.15
C SER A 4 4.26 -4.42 8.33
N VAL A 5 4.43 -4.37 7.01
CA VAL A 5 3.79 -5.33 6.10
C VAL A 5 4.83 -6.27 5.54
N TYR A 6 4.41 -7.39 5.02
CA TYR A 6 5.39 -8.34 4.52
C TYR A 6 4.89 -9.01 3.23
N ARG A 7 5.73 -9.02 2.21
CA ARG A 7 5.31 -9.42 0.86
C ARG A 7 5.65 -10.89 0.70
N THR A 8 4.99 -11.56 -0.23
CA THR A 8 5.38 -12.91 -0.55
C THR A 8 6.60 -12.88 -1.52
N ARG A 9 6.70 -11.83 -2.33
CA ARG A 9 7.86 -11.66 -3.23
C ARG A 9 8.16 -10.20 -3.48
N SER A 10 9.40 -9.90 -3.81
CA SER A 10 9.80 -8.50 -4.04
C SER A 10 8.97 -7.82 -5.14
N LEU A 11 8.89 -6.49 -5.08
CA LEU A 11 8.27 -5.78 -6.21
C LEU A 11 9.13 -6.06 -7.44
N GLY A 12 8.46 -6.24 -8.56
CA GLY A 12 9.14 -6.41 -9.83
C GLY A 12 9.54 -7.83 -10.25
N VAL A 13 9.41 -8.78 -9.34
CA VAL A 13 10.09 -10.07 -9.51
C VAL A 13 9.06 -11.10 -10.08
N ALA A 14 9.51 -12.22 -10.64
CA ALA A 14 8.59 -13.21 -11.28
C ALA A 14 9.12 -14.58 -10.93
N ALA A 15 8.39 -15.61 -11.33
CA ALA A 15 8.78 -17.03 -11.10
C ALA A 15 8.00 -17.90 -12.06
N GLU A 16 8.62 -19.01 -12.47
CA GLU A 16 8.07 -19.93 -13.44
C GLU A 16 6.75 -20.51 -12.90
N GLY A 17 5.74 -20.48 -13.78
CA GLY A 17 4.43 -21.12 -13.52
C GLY A 17 3.42 -20.23 -12.80
N ILE A 18 3.79 -19.01 -12.46
CA ILE A 18 2.84 -18.10 -11.87
C ILE A 18 2.81 -16.77 -12.64
N PRO A 19 1.62 -16.19 -12.82
CA PRO A 19 1.55 -14.95 -13.61
C PRO A 19 2.28 -13.80 -12.93
N ASP A 20 2.72 -12.82 -13.71
CA ASP A 20 3.46 -11.71 -13.20
C ASP A 20 2.55 -10.82 -12.34
N GLN A 21 3.14 -9.96 -11.56
CA GLN A 21 2.36 -9.18 -10.60
C GLN A 21 1.25 -8.36 -11.28
N TYR A 22 -0.01 -8.59 -10.85
CA TYR A 22 -1.20 -7.89 -11.35
C TYR A 22 -1.38 -8.07 -12.85
N ALA A 23 -0.73 -9.05 -13.46
CA ALA A 23 -0.82 -9.19 -14.91
C ALA A 23 -2.21 -9.62 -15.40
N ASP A 24 -2.91 -10.39 -14.56
CA ASP A 24 -4.27 -10.89 -14.80
C ASP A 24 -5.43 -10.04 -14.11
N GLY A 25 -5.10 -8.89 -13.55
CA GLY A 25 -6.15 -7.99 -12.99
C GLY A 25 -7.19 -7.52 -14.00
N GLU A 26 -8.35 -7.11 -13.53
CA GLU A 26 -9.40 -6.61 -14.43
C GLU A 26 -9.00 -5.34 -15.14
N ALA A 27 -8.40 -4.41 -14.42
CA ALA A 27 -7.94 -3.19 -15.06
C ALA A 27 -6.96 -3.52 -16.21
N ALA A 28 -5.97 -4.37 -15.93
CA ALA A 28 -5.05 -4.85 -16.94
C ALA A 28 -5.77 -5.43 -18.13
N ARG A 29 -6.83 -6.21 -17.89
CA ARG A 29 -7.49 -6.90 -19.01
C ARG A 29 -8.22 -5.91 -19.97
N VAL A 30 -8.90 -4.92 -19.42
CA VAL A 30 -9.53 -3.89 -20.24
C VAL A 30 -8.44 -3.03 -20.92
N TRP A 31 -7.32 -2.79 -20.25
CA TRP A 31 -6.22 -1.99 -20.85
C TRP A 31 -5.57 -2.65 -22.08
N GLN A 32 -5.53 -3.98 -22.05
CA GLN A 32 -5.11 -4.82 -23.17
C GLN A 32 -6.04 -4.65 -24.35
N LEU A 33 -7.34 -4.53 -24.10
CA LEU A 33 -8.28 -4.17 -25.20
C LEU A 33 -7.99 -2.78 -25.74
N TYR A 34 -7.74 -1.84 -24.86
CA TYR A 34 -7.33 -0.53 -25.29
C TYR A 34 -6.15 -0.51 -26.23
N ILE A 35 -5.06 -1.20 -25.87
CA ILE A 35 -3.80 -1.09 -26.63
C ILE A 35 -3.85 -1.94 -27.88
N GLY A 36 -4.82 -2.87 -27.91
CA GLY A 36 -5.09 -3.70 -29.11
C GLY A 36 -6.04 -3.07 -30.11
N ASP A 37 -6.49 -1.84 -29.81
CA ASP A 37 -7.55 -1.20 -30.59
C ASP A 37 -6.94 -0.45 -31.78
N THR A 38 -6.14 -1.20 -32.53
CA THR A 38 -5.30 -0.63 -33.62
C THR A 38 -5.47 -1.41 -34.93
N ARG A 39 -6.65 -1.93 -35.20
CA ARG A 39 -6.84 -2.71 -36.46
C ARG A 39 -7.11 -1.80 -37.64
N SER A 40 -7.36 -0.52 -37.38
CA SER A 40 -7.82 0.39 -38.44
C SER A 40 -6.93 1.63 -38.64
N ARG A 41 -5.75 1.39 -39.19
CA ARG A 41 -4.82 2.47 -39.48
C ARG A 41 -5.54 3.40 -40.46
N THR A 42 -5.54 4.69 -40.15
CA THR A 42 -6.24 5.64 -41.05
C THR A 42 -5.46 5.81 -42.33
N ALA A 43 -6.17 5.97 -43.44
CA ALA A 43 -5.51 6.12 -44.72
C ALA A 43 -4.75 7.44 -44.70
N GLU A 44 -5.36 8.47 -44.11
CA GLU A 44 -4.75 9.81 -44.06
C GLU A 44 -3.37 9.75 -43.37
N TYR A 45 -3.28 9.01 -42.27
CA TYR A 45 -2.02 8.80 -41.56
C TYR A 45 -0.92 8.17 -42.43
N LYS A 46 -1.20 6.98 -42.93
CA LYS A 46 -0.22 6.23 -43.66
C LYS A 46 0.28 7.04 -44.88
N ALA A 47 -0.62 7.83 -45.47
CA ALA A 47 -0.33 8.62 -46.67
C ALA A 47 0.61 9.74 -46.30
N TRP A 48 0.33 10.38 -45.16
CA TRP A 48 1.13 11.51 -44.71
C TRP A 48 2.57 11.08 -44.32
N LEU A 49 2.69 10.06 -43.48
CA LEU A 49 4.02 9.62 -43.00
C LEU A 49 4.81 9.02 -44.16
N LEU A 50 4.18 8.14 -44.93
CA LEU A 50 4.84 7.62 -46.13
C LEU A 50 5.34 8.75 -47.05
N GLY A 51 4.47 9.70 -47.33
CA GLY A 51 4.84 10.84 -48.17
C GLY A 51 5.93 11.72 -47.56
N LEU A 52 5.89 11.97 -46.24
CA LEU A 52 6.90 12.81 -45.62
C LEU A 52 8.27 12.14 -45.67
N LEU A 53 8.32 10.86 -45.35
CA LEU A 53 9.59 10.08 -45.41
C LEU A 53 10.18 9.97 -46.84
N ARG A 54 9.32 9.73 -47.83
CA ARG A 54 9.79 9.61 -49.22
C ARG A 54 10.23 10.95 -49.80
N GLN A 55 9.56 12.01 -49.39
CA GLN A 55 9.91 13.39 -49.69
C GLN A 55 11.32 13.74 -49.26
N HIS A 56 11.74 13.24 -48.10
CA HIS A 56 13.08 13.49 -47.59
C HIS A 56 14.01 12.33 -47.84
N GLY A 57 13.67 11.42 -48.74
CA GLY A 57 14.51 10.28 -49.05
C GLY A 57 15.04 9.45 -47.88
N CYS A 58 14.24 9.25 -46.82
CA CYS A 58 14.64 8.45 -45.66
C CYS A 58 14.57 6.94 -45.93
N HIS A 59 15.55 6.21 -45.45
CA HIS A 59 15.47 4.74 -45.45
C HIS A 59 15.71 4.10 -44.09
N ARG A 60 16.59 4.68 -43.27
CA ARG A 60 16.91 4.12 -41.99
C ARG A 60 16.12 4.91 -40.91
N VAL A 61 15.17 4.22 -40.31
CA VAL A 61 14.18 4.84 -39.41
C VAL A 61 14.24 4.18 -38.08
N LEU A 62 14.21 5.00 -37.02
CA LEU A 62 14.26 4.56 -35.61
C LEU A 62 12.96 5.02 -35.05
N ASP A 63 12.20 4.08 -34.52
CA ASP A 63 10.97 4.39 -33.80
C ASP A 63 11.30 4.26 -32.34
N VAL A 64 11.24 5.37 -31.62
CA VAL A 64 11.64 5.41 -30.18
C VAL A 64 10.51 5.15 -29.15
N ALA A 65 9.32 4.91 -29.65
CA ALA A 65 8.16 4.55 -28.86
C ALA A 65 7.39 3.42 -29.59
N CYS A 66 8.09 2.35 -29.86
CA CYS A 66 7.62 1.17 -30.52
C CYS A 66 6.29 0.62 -30.06
N GLY A 67 6.18 0.42 -28.75
CA GLY A 67 4.94 -0.08 -28.23
C GLY A 67 4.63 -1.47 -28.76
N THR A 68 3.39 -1.66 -29.21
CA THR A 68 2.98 -2.95 -29.73
C THR A 68 3.41 -3.09 -31.21
N GLY A 69 4.02 -2.03 -31.72
CA GLY A 69 4.72 -2.01 -32.98
C GLY A 69 3.93 -1.55 -34.21
N VAL A 70 2.67 -1.16 -34.02
CA VAL A 70 1.80 -0.87 -35.12
C VAL A 70 2.39 0.20 -36.02
N ASP A 71 3.01 1.23 -35.45
CA ASP A 71 3.62 2.26 -36.32
C ASP A 71 4.82 1.79 -37.16
N SER A 72 5.69 1.04 -36.51
CA SER A 72 6.87 0.52 -37.13
C SER A 72 6.43 -0.49 -38.23
N ILE A 73 5.32 -1.22 -38.00
CA ILE A 73 4.94 -2.33 -38.88
C ILE A 73 4.59 -1.83 -40.29
N MET A 74 3.81 -0.77 -40.41
CA MET A 74 3.54 -0.14 -41.70
C MET A 74 4.86 0.14 -42.41
N LEU A 75 5.83 0.70 -41.66
CA LEU A 75 7.09 1.08 -42.30
C LEU A 75 7.85 -0.15 -42.83
N VAL A 76 7.89 -1.16 -41.98
CA VAL A 76 8.41 -2.46 -42.38
C VAL A 76 7.76 -3.00 -43.63
N GLU A 77 6.43 -2.97 -43.69
CA GLU A 77 5.71 -3.45 -44.84
C GLU A 77 6.11 -2.65 -46.04
N GLU A 78 6.43 -1.37 -45.84
CA GLU A 78 6.73 -0.49 -46.97
C GLU A 78 8.21 -0.39 -47.34
N GLY A 79 9.05 -1.23 -46.71
CA GLY A 79 10.41 -1.44 -47.22
C GLY A 79 11.47 -0.55 -46.63
N PHE A 80 11.11 0.24 -45.62
CA PHE A 80 12.10 0.94 -44.79
C PHE A 80 12.92 -0.05 -44.01
N SER A 81 14.09 0.39 -43.59
CA SER A 81 14.86 -0.34 -42.66
C SER A 81 14.55 0.23 -41.23
N VAL A 82 13.97 -0.58 -40.37
CA VAL A 82 13.33 -0.07 -39.18
C VAL A 82 14.03 -0.63 -37.97
N THR A 83 14.41 0.25 -37.03
CA THR A 83 14.83 -0.09 -35.70
C THR A 83 13.78 0.49 -34.73
N SER A 84 13.22 -0.36 -33.88
CA SER A 84 12.13 0.01 -33.02
C SER A 84 12.50 -0.30 -31.58
N VAL A 85 12.28 0.68 -30.71
CA VAL A 85 12.79 0.68 -29.34
C VAL A 85 11.70 1.17 -28.36
N ASP A 86 11.57 0.52 -27.19
CA ASP A 86 10.63 1.01 -26.19
C ASP A 86 11.20 0.70 -24.83
N ALA A 87 10.84 1.50 -23.83
CA ALA A 87 11.27 1.21 -22.45
C ALA A 87 10.40 0.15 -21.80
N SER A 88 9.23 -0.14 -22.37
CA SER A 88 8.26 -1.04 -21.77
C SER A 88 8.32 -2.39 -22.40
N ASP A 89 8.70 -3.40 -21.62
CA ASP A 89 8.68 -4.76 -22.12
C ASP A 89 7.31 -5.33 -22.32
N LYS A 90 6.36 -4.98 -21.48
CA LYS A 90 4.98 -5.47 -21.64
C LYS A 90 4.42 -5.08 -23.01
N MET A 91 4.76 -3.90 -23.45
CA MET A 91 4.30 -3.40 -24.76
C MET A 91 5.11 -4.13 -25.86
N LEU A 92 6.43 -4.15 -25.67
CA LEU A 92 7.39 -4.67 -26.65
C LEU A 92 7.00 -6.09 -27.00
N LYS A 93 6.37 -6.78 -26.06
CA LYS A 93 5.97 -8.17 -26.23
C LYS A 93 5.07 -8.37 -27.41
N TYR A 94 4.20 -7.40 -27.70
CA TYR A 94 3.23 -7.54 -28.81
C TYR A 94 3.87 -7.35 -30.15
N ALA A 95 4.83 -6.42 -30.22
CA ALA A 95 5.63 -6.21 -31.39
C ALA A 95 6.49 -7.41 -31.74
N LEU A 96 7.19 -7.96 -30.73
CA LEU A 96 7.98 -9.16 -30.89
C LEU A 96 7.13 -10.30 -31.46
N LYS A 97 5.96 -10.49 -30.88
CA LYS A 97 5.08 -11.58 -31.33
C LYS A 97 4.68 -11.38 -32.79
N GLU A 98 4.41 -10.13 -33.20
CA GLU A 98 4.11 -9.91 -34.61
C GLU A 98 5.32 -10.25 -35.44
N ARG A 99 6.53 -9.85 -35.02
CA ARG A 99 7.69 -10.12 -35.82
C ARG A 99 7.88 -11.61 -36.04
N TRP A 100 7.62 -12.36 -35.00
CA TRP A 100 7.85 -13.80 -35.05
C TRP A 100 6.85 -14.47 -35.96
N ASN A 101 5.56 -14.13 -35.87
CA ASN A 101 4.52 -14.71 -36.78
C ASN A 101 4.85 -14.45 -38.20
N ARG A 102 5.35 -13.25 -38.49
CA ARG A 102 5.64 -12.84 -39.85
C ARG A 102 7.11 -13.08 -40.33
N ARG A 103 7.89 -13.76 -39.52
CA ARG A 103 9.33 -13.88 -39.78
C ARG A 103 9.70 -14.40 -41.14
N LYS A 104 8.89 -15.25 -41.75
CA LYS A 104 9.19 -15.77 -43.11
C LYS A 104 9.04 -14.71 -44.22
N GLU A 105 8.57 -13.53 -43.84
CA GLU A 105 8.55 -12.38 -44.77
C GLU A 105 9.90 -11.71 -44.56
N PRO A 106 10.70 -11.55 -45.63
CA PRO A 106 12.09 -11.09 -45.42
C PRO A 106 12.22 -9.76 -44.72
N ALA A 107 11.27 -8.86 -44.94
CA ALA A 107 11.28 -7.56 -44.31
C ALA A 107 11.14 -7.71 -42.78
N PHE A 108 10.36 -8.68 -42.33
CA PHE A 108 10.20 -8.83 -40.85
C PHE A 108 11.44 -9.48 -40.21
N ASP A 109 12.12 -10.30 -40.97
CA ASP A 109 13.39 -10.89 -40.57
C ASP A 109 14.46 -9.83 -40.27
N LYS A 110 14.41 -8.70 -40.97
CA LYS A 110 15.36 -7.58 -40.84
C LYS A 110 14.90 -6.46 -39.89
N TRP A 111 13.74 -6.63 -39.26
CA TRP A 111 13.23 -5.56 -38.36
C TRP A 111 13.92 -5.78 -37.03
N VAL A 112 14.58 -4.73 -36.52
CA VAL A 112 15.21 -4.72 -35.19
C VAL A 112 14.29 -4.16 -34.14
N ILE A 113 14.07 -4.95 -33.09
CA ILE A 113 13.27 -4.56 -31.93
C ILE A 113 14.06 -4.76 -30.64
N GLU A 114 14.20 -3.70 -29.84
CA GLU A 114 15.05 -3.78 -28.66
C GLU A 114 14.51 -2.84 -27.56
N GLU A 115 14.81 -3.14 -26.33
CA GLU A 115 14.45 -2.28 -25.25
C GLU A 115 15.46 -1.11 -25.20
N ALA A 116 14.95 0.09 -24.95
CA ALA A 116 15.79 1.26 -24.70
C ALA A 116 15.03 2.34 -24.01
N ASN A 117 15.71 3.13 -23.20
CA ASN A 117 14.99 4.20 -22.44
C ASN A 117 15.49 5.56 -22.96
N TRP A 118 14.56 6.50 -23.20
CA TRP A 118 14.88 7.86 -23.68
C TRP A 118 15.95 8.49 -22.85
N LEU A 119 15.87 8.25 -21.55
CA LEU A 119 16.74 8.86 -20.60
C LEU A 119 18.19 8.35 -20.60
N THR A 120 18.42 7.19 -21.26
CA THR A 120 19.74 6.57 -21.42
C THR A 120 19.91 6.16 -22.87
N LEU A 121 19.32 6.87 -23.81
CA LEU A 121 19.17 6.34 -25.17
C LEU A 121 20.52 6.21 -25.88
N ASP A 122 21.44 7.14 -25.56
CA ASP A 122 22.74 7.20 -26.21
C ASP A 122 23.50 5.93 -25.93
N LYS A 123 23.32 5.38 -24.74
CA LYS A 123 23.96 4.13 -24.35
C LYS A 123 23.19 2.89 -24.80
N ASP A 124 21.86 2.95 -24.71
CA ASP A 124 21.03 1.79 -25.04
C ASP A 124 20.99 1.47 -26.56
N VAL A 125 21.23 2.46 -27.41
CA VAL A 125 21.16 2.22 -28.85
C VAL A 125 22.40 2.70 -29.63
N PRO A 126 23.02 1.78 -30.39
CA PRO A 126 24.05 2.31 -31.31
C PRO A 126 23.42 3.04 -32.56
N ALA A 127 23.75 4.32 -32.74
CA ALA A 127 23.15 5.17 -33.81
C ALA A 127 23.97 5.14 -35.13
N GLY A 128 25.23 4.72 -35.00
CA GLY A 128 26.23 4.92 -36.04
C GLY A 128 26.42 6.41 -36.23
N ASP A 129 26.25 6.86 -37.48
CA ASP A 129 26.20 8.30 -37.81
C ASP A 129 24.81 8.94 -37.60
N GLY A 130 23.79 8.13 -37.27
CA GLY A 130 22.43 8.63 -36.99
C GLY A 130 21.45 8.06 -38.01
N PHE A 131 20.18 8.18 -37.72
CA PHE A 131 19.10 7.65 -38.59
C PHE A 131 18.63 8.75 -39.48
N ASP A 132 18.11 8.39 -40.65
CA ASP A 132 17.54 9.36 -41.57
C ASP A 132 16.27 9.96 -40.93
N ALA A 133 15.52 9.18 -40.14
CA ALA A 133 14.30 9.70 -39.47
C ALA A 133 14.15 9.04 -38.13
N VAL A 134 13.73 9.83 -37.14
CA VAL A 134 13.41 9.30 -35.80
C VAL A 134 11.93 9.65 -35.54
N ILE A 135 11.11 8.67 -35.13
CA ILE A 135 9.69 8.91 -35.05
C ILE A 135 9.27 8.61 -33.62
N CYS A 136 8.37 9.45 -33.13
CA CYS A 136 7.80 9.28 -31.75
C CYS A 136 6.36 9.81 -31.83
N LEU A 137 5.43 8.93 -32.19
CA LEU A 137 4.08 9.29 -32.56
C LEU A 137 3.06 8.67 -31.61
N GLY A 138 1.77 8.98 -31.80
CA GLY A 138 0.72 8.51 -30.87
C GLY A 138 0.65 9.15 -29.47
N ASN A 139 1.32 10.28 -29.29
CA ASN A 139 1.34 11.01 -28.01
C ASN A 139 2.08 10.27 -26.93
N SER A 140 3.07 9.46 -27.33
CA SER A 140 3.85 8.71 -26.35
C SER A 140 4.77 9.56 -25.50
N PHE A 141 5.31 10.67 -26.05
CA PHE A 141 6.25 11.45 -25.27
C PHE A 141 5.62 11.93 -23.92
N ALA A 142 4.32 12.23 -23.99
CA ALA A 142 3.50 12.72 -22.91
C ALA A 142 3.35 11.70 -21.79
N HIS A 143 3.81 10.47 -22.02
CA HIS A 143 3.75 9.46 -21.01
C HIS A 143 4.75 9.72 -19.88
N LEU A 144 5.84 10.46 -20.14
CA LEU A 144 6.90 10.75 -19.16
C LEU A 144 6.54 11.96 -18.26
N PRO A 145 6.28 11.70 -16.96
CA PRO A 145 5.94 12.79 -16.03
C PRO A 145 7.16 13.62 -15.63
N ASP A 146 6.88 14.80 -15.11
CA ASP A 146 7.88 15.69 -14.61
C ASP A 146 8.04 15.35 -13.12
N SER A 147 8.66 14.22 -12.81
CA SER A 147 8.81 13.79 -11.42
C SER A 147 9.67 14.74 -10.61
N LYS A 148 10.66 15.39 -11.20
CA LYS A 148 11.56 16.30 -10.44
C LYS A 148 10.97 17.70 -10.29
N GLY A 149 10.22 18.15 -11.29
CA GLY A 149 9.53 19.44 -11.22
C GLY A 149 10.17 20.59 -11.97
N ASP A 150 11.31 20.39 -12.61
CA ASP A 150 11.94 21.42 -13.44
C ASP A 150 11.90 21.04 -14.92
N GLN A 151 11.21 19.94 -15.22
CA GLN A 151 11.19 19.32 -16.56
C GLN A 151 12.57 18.91 -17.05
N SER A 152 13.49 18.69 -16.12
CA SER A 152 14.84 18.29 -16.49
C SER A 152 14.79 16.95 -17.23
N GLU A 153 13.86 16.06 -16.88
CA GLU A 153 13.80 14.80 -17.54
C GLU A 153 13.23 14.96 -18.91
N HIS A 154 12.22 15.81 -19.13
CA HIS A 154 11.77 16.02 -20.49
C HIS A 154 12.92 16.54 -21.35
N ARG A 155 13.76 17.45 -20.85
CA ARG A 155 14.85 18.01 -21.71
C ARG A 155 15.87 16.91 -22.06
N LEU A 156 16.24 16.10 -21.06
CA LEU A 156 17.10 14.93 -21.27
C LEU A 156 16.54 13.96 -22.29
N ALA A 157 15.27 13.53 -22.16
CA ALA A 157 14.68 12.62 -23.13
C ALA A 157 14.76 13.15 -24.57
N LEU A 158 14.39 14.43 -24.69
CA LEU A 158 14.40 15.09 -25.97
C LEU A 158 15.80 15.32 -26.54
N LYS A 159 16.73 15.74 -25.71
CA LYS A 159 18.11 15.82 -26.13
C LYS A 159 18.58 14.48 -26.70
N ASN A 160 18.38 13.39 -25.96
CA ASN A 160 18.81 12.03 -26.40
C ASN A 160 18.13 11.50 -27.69
N ILE A 161 16.83 11.74 -27.84
CA ILE A 161 16.05 11.42 -29.03
C ILE A 161 16.59 12.20 -30.20
N ALA A 162 16.85 13.50 -29.99
CA ALA A 162 17.44 14.33 -31.04
C ALA A 162 18.82 13.85 -31.47
N SER A 163 19.62 13.35 -30.53
CA SER A 163 20.96 12.85 -30.90
C SER A 163 20.91 11.59 -31.77
N MET A 164 19.80 10.88 -31.83
CA MET A 164 19.65 9.77 -32.80
C MET A 164 19.48 10.19 -34.28
N VAL A 165 19.11 11.43 -34.56
CA VAL A 165 18.91 11.92 -35.97
C VAL A 165 20.25 12.25 -36.65
N ARG A 166 20.52 11.69 -37.83
CA ARG A 166 21.68 12.14 -38.58
C ARG A 166 21.53 13.64 -38.97
N PRO A 167 22.67 14.29 -39.25
CA PRO A 167 22.66 15.63 -39.87
C PRO A 167 21.83 15.70 -41.18
N GLY A 168 20.93 16.68 -41.30
CA GLY A 168 19.97 16.75 -42.44
C GLY A 168 18.83 15.74 -42.34
N GLY A 169 18.79 15.03 -41.22
CA GLY A 169 17.76 14.05 -40.93
C GLY A 169 16.58 14.61 -40.17
N LEU A 170 15.61 13.72 -39.90
CA LEU A 170 14.28 14.15 -39.44
C LEU A 170 13.90 13.55 -38.08
N LEU A 171 13.29 14.38 -37.24
CA LEU A 171 12.55 13.94 -36.07
C LEU A 171 11.07 14.31 -36.29
N VAL A 172 10.18 13.33 -36.18
CA VAL A 172 8.74 13.53 -36.19
C VAL A 172 8.24 13.13 -34.79
N ILE A 173 7.74 14.10 -34.00
CA ILE A 173 7.30 13.89 -32.60
C ILE A 173 6.05 14.65 -32.31
N ASP A 174 5.05 13.98 -31.72
CA ASP A 174 3.72 14.58 -31.55
C ASP A 174 3.28 14.66 -30.08
N HIS A 175 2.20 15.35 -29.88
CA HIS A 175 1.55 15.42 -28.59
C HIS A 175 0.13 15.76 -28.85
N ARG A 176 -0.74 15.23 -28.05
CA ARG A 176 -2.11 15.63 -28.11
C ARG A 176 -2.17 17.13 -27.74
N ASN A 177 -3.26 17.77 -28.11
CA ASN A 177 -3.48 19.19 -27.91
C ASN A 177 -3.97 19.38 -26.48
N TYR A 178 -3.03 19.55 -25.59
CA TYR A 178 -3.34 19.76 -24.21
C TYR A 178 -3.78 21.21 -23.91
N ASP A 179 -3.47 22.19 -24.77
CA ASP A 179 -3.98 23.56 -24.59
C ASP A 179 -5.51 23.46 -24.52
N TYR A 180 -6.04 22.67 -25.47
CA TYR A 180 -7.48 22.44 -25.55
C TYR A 180 -8.03 21.73 -24.31
N ILE A 181 -7.35 20.64 -23.92
CA ILE A 181 -7.77 19.85 -22.80
C ILE A 181 -7.71 20.69 -21.50
N LEU A 182 -6.63 21.44 -21.28
CA LEU A 182 -6.58 22.30 -20.07
C LEU A 182 -7.65 23.38 -20.09
N SER A 183 -8.04 23.86 -21.27
CA SER A 183 -9.07 24.87 -21.38
CA SER A 183 -9.07 24.87 -21.40
C SER A 183 -10.49 24.33 -21.14
N THR A 184 -10.79 23.07 -21.47
CA THR A 184 -12.16 22.53 -21.21
C THR A 184 -12.24 21.57 -20.00
N GLY A 185 -11.05 21.20 -19.47
CA GLY A 185 -10.92 20.15 -18.44
C GLY A 185 -11.32 18.76 -18.90
N CYS A 186 -11.46 18.54 -20.19
CA CYS A 186 -12.07 17.31 -20.64
C CYS A 186 -11.25 16.77 -21.83
N ALA A 187 -10.86 15.49 -21.77
CA ALA A 187 -10.17 14.78 -22.88
C ALA A 187 -11.19 13.91 -23.60
N PRO A 188 -11.81 14.42 -24.68
CA PRO A 188 -12.85 13.57 -25.30
C PRO A 188 -12.31 12.23 -25.88
N PRO A 189 -13.12 11.15 -25.88
CA PRO A 189 -12.75 9.82 -26.37
C PRO A 189 -12.76 9.66 -27.89
N GLY A 190 -12.10 8.60 -28.35
CA GLY A 190 -12.15 8.17 -29.76
C GLY A 190 -11.72 9.20 -30.82
N LYS A 191 -10.70 9.99 -30.52
CA LYS A 191 -10.21 11.02 -31.45
C LYS A 191 -8.90 10.60 -32.10
N ASN A 192 -8.40 9.43 -31.72
CA ASN A 192 -7.15 9.00 -32.27
C ASN A 192 -7.16 9.17 -33.80
N ILE A 193 -6.33 10.11 -34.30
CA ILE A 193 -6.16 10.31 -35.80
C ILE A 193 -5.34 9.24 -36.56
N TYR A 194 -4.75 8.31 -35.83
CA TYR A 194 -3.74 7.39 -36.35
C TYR A 194 -4.34 6.02 -36.59
N TYR A 195 -5.10 5.57 -35.60
CA TYR A 195 -5.94 4.38 -35.70
C TYR A 195 -7.32 4.75 -35.30
N LYS A 196 -8.30 4.59 -36.18
CA LYS A 196 -9.67 4.82 -35.82
C LYS A 196 -10.06 3.81 -34.77
N SER A 197 -10.56 4.26 -33.61
CA SER A 197 -10.89 3.34 -32.52
C SER A 197 -12.21 2.56 -32.73
N ASP A 198 -12.16 1.25 -32.49
CA ASP A 198 -13.37 0.42 -32.52
C ASP A 198 -13.93 0.19 -31.09
N LEU A 199 -13.12 0.46 -30.06
CA LEU A 199 -13.53 0.23 -28.65
C LEU A 199 -14.18 1.50 -28.05
N THR A 200 -15.44 1.42 -27.69
CA THR A 200 -16.12 2.58 -27.12
C THR A 200 -15.81 2.70 -25.57
N LYS A 201 -15.22 3.84 -25.16
CA LYS A 201 -14.93 4.14 -23.74
C LYS A 201 -15.46 5.51 -23.22
N ASP A 202 -15.83 5.56 -21.94
CA ASP A 202 -16.17 6.83 -21.29
C ASP A 202 -14.93 7.26 -20.54
N ILE A 203 -14.64 8.55 -20.58
CA ILE A 203 -13.44 9.08 -19.97
C ILE A 203 -13.77 10.12 -18.88
N THR A 204 -13.12 9.96 -17.73
CA THR A 204 -13.09 10.99 -16.70
C THR A 204 -11.71 11.63 -16.71
N THR A 205 -11.68 12.95 -16.86
CA THR A 205 -10.45 13.67 -16.98
C THR A 205 -10.13 14.39 -15.68
N SER A 206 -9.02 14.04 -15.06
CA SER A 206 -8.59 14.69 -13.86
C SER A 206 -7.31 15.46 -14.12
N VAL A 207 -7.33 16.77 -13.89
CA VAL A 207 -6.23 17.66 -14.12
C VAL A 207 -5.67 18.13 -12.80
N LEU A 208 -4.38 17.96 -12.61
CA LEU A 208 -3.76 18.41 -11.38
C LEU A 208 -2.89 19.62 -11.71
N THR A 209 -3.15 20.75 -11.07
CA THR A 209 -2.29 21.90 -11.20
C THR A 209 -1.57 22.06 -9.87
N VAL A 210 -0.27 22.27 -9.89
CA VAL A 210 0.50 22.41 -8.64
C VAL A 210 1.01 23.81 -8.76
N ASN A 211 0.72 24.62 -7.76
CA ASN A 211 1.04 26.02 -7.68
C ASN A 211 0.70 26.75 -8.98
N ASN A 212 -0.48 26.45 -9.48
CA ASN A 212 -1.04 27.11 -10.66
C ASN A 212 -0.40 26.66 -11.96
N LYS A 213 0.47 25.66 -11.94
CA LYS A 213 1.03 25.11 -13.13
C LYS A 213 0.46 23.71 -13.37
N ALA A 214 -0.04 23.48 -14.56
CA ALA A 214 -0.48 22.14 -14.96
C ALA A 214 0.64 21.12 -14.73
N HIS A 215 0.31 20.00 -14.10
CA HIS A 215 1.30 19.01 -13.76
C HIS A 215 1.02 17.64 -14.29
N MET A 216 -0.27 17.28 -14.37
CA MET A 216 -0.67 15.94 -14.79
C MET A 216 -2.10 15.92 -15.24
N VAL A 217 -2.33 15.11 -16.26
CA VAL A 217 -3.68 14.78 -16.68
C VAL A 217 -3.85 13.28 -16.54
N THR A 218 -4.89 12.87 -15.84
CA THR A 218 -5.08 11.47 -15.53
C THR A 218 -6.36 11.09 -16.08
N LEU A 219 -6.37 10.03 -16.88
CA LEU A 219 -7.65 9.62 -17.50
C LEU A 219 -8.07 8.29 -16.93
N ASP A 220 -9.34 8.19 -16.58
CA ASP A 220 -9.96 6.94 -16.24
C ASP A 220 -10.85 6.56 -17.35
N TYR A 221 -10.61 5.39 -17.92
CA TYR A 221 -11.39 4.86 -19.01
C TYR A 221 -12.37 3.79 -18.52
N THR A 222 -13.65 3.97 -18.72
CA THR A 222 -14.64 2.95 -18.36
C THR A 222 -15.17 2.25 -19.62
N VAL A 223 -15.11 0.92 -19.65
CA VAL A 223 -15.43 0.12 -20.83
C VAL A 223 -16.45 -0.92 -20.41
N GLN A 224 -17.45 -1.16 -21.26
CA GLN A 224 -18.56 -2.08 -20.93
C GLN A 224 -18.17 -3.56 -21.01
N VAL A 225 -18.84 -4.36 -20.16
CA VAL A 225 -18.60 -5.79 -20.00
C VAL A 225 -19.93 -6.53 -19.65
N PRO A 226 -20.08 -7.80 -20.06
CA PRO A 226 -21.27 -8.62 -19.64
C PRO A 226 -21.42 -8.79 -18.11
N ALA A 233 -27.53 -8.29 -16.03
CA ALA A 233 -26.99 -6.99 -15.66
C ALA A 233 -25.54 -6.88 -16.13
N PRO A 234 -25.28 -6.07 -17.18
CA PRO A 234 -23.92 -5.96 -17.72
C PRO A 234 -23.07 -4.93 -16.95
N GLY A 235 -21.76 -5.19 -16.86
CA GLY A 235 -20.88 -4.40 -15.99
C GLY A 235 -19.93 -3.43 -16.70
N PHE A 236 -19.15 -2.73 -15.90
CA PHE A 236 -18.18 -1.75 -16.38
C PHE A 236 -16.84 -1.95 -15.68
N SER A 237 -15.75 -1.79 -16.44
CA SER A 237 -14.43 -1.92 -15.86
C SER A 237 -13.52 -0.80 -16.29
N LYS A 238 -12.76 -0.28 -15.35
CA LYS A 238 -12.02 0.92 -15.66
C LYS A 238 -10.54 0.63 -15.61
N PHE A 239 -9.79 1.48 -16.28
CA PHE A 239 -8.35 1.55 -16.07
C PHE A 239 -7.93 3.01 -16.15
N ARG A 240 -6.77 3.27 -15.57
CA ARG A 240 -6.23 4.62 -15.40
C ARG A 240 -4.84 4.69 -16.07
N LEU A 241 -4.59 5.76 -16.80
CA LEU A 241 -3.29 6.12 -17.38
C LEU A 241 -3.12 7.62 -17.15
N SER A 242 -1.87 8.08 -16.96
CA SER A 242 -1.62 9.49 -16.74
C SER A 242 -0.62 10.07 -17.72
N TYR A 243 -0.68 11.37 -17.91
CA TYR A 243 -0.01 12.04 -18.97
C TYR A 243 0.50 13.38 -18.52
N TYR A 244 1.61 13.85 -19.10
CA TYR A 244 2.07 15.22 -18.89
C TYR A 244 1.49 16.16 -19.94
N PRO A 245 0.82 17.24 -19.51
CA PRO A 245 -0.01 18.05 -20.42
C PRO A 245 0.81 19.10 -21.18
N HIS A 246 1.52 18.65 -22.21
CA HIS A 246 2.38 19.54 -23.00
C HIS A 246 1.58 20.50 -23.83
N CYS A 247 1.75 21.78 -23.56
CA CYS A 247 1.15 22.82 -24.36
C CYS A 247 2.06 23.17 -25.53
N LEU A 248 1.47 23.79 -26.55
CA LEU A 248 2.12 23.89 -27.85
C LEU A 248 3.35 24.77 -27.80
N ALA A 249 3.19 25.97 -27.22
CA ALA A 249 4.31 26.94 -27.03
C ALA A 249 5.53 26.33 -26.33
N SER A 250 5.33 25.77 -25.15
CA SER A 250 6.41 25.12 -24.35
C SER A 250 7.11 24.05 -25.17
N PHE A 251 6.33 23.18 -25.82
CA PHE A 251 6.91 22.04 -26.51
C PHE A 251 7.66 22.49 -27.74
N THR A 252 7.23 23.56 -28.37
CA THR A 252 7.95 24.10 -29.49
C THR A 252 9.30 24.55 -28.95
N GLU A 253 9.31 25.14 -27.75
CA GLU A 253 10.58 25.56 -27.19
C GLU A 253 11.42 24.33 -26.89
N LEU A 254 10.89 23.37 -26.14
CA LEU A 254 11.68 22.25 -25.68
C LEU A 254 12.33 21.44 -26.86
N VAL A 255 11.56 21.26 -27.93
CA VAL A 255 11.98 20.34 -29.00
C VAL A 255 13.11 20.98 -29.79
N GLN A 256 13.03 22.27 -30.06
CA GLN A 256 14.14 22.98 -30.67
C GLN A 256 15.39 23.04 -29.77
N GLU A 257 15.22 23.40 -28.49
CA GLU A 257 16.29 23.37 -27.51
C GLU A 257 17.12 22.06 -27.52
N ALA A 258 16.43 20.92 -27.66
CA ALA A 258 17.07 19.61 -27.79
C ALA A 258 18.08 19.50 -28.93
N PHE A 259 17.93 20.29 -29.99
CA PHE A 259 18.93 20.39 -31.06
C PHE A 259 19.89 21.57 -30.90
N GLY A 260 19.83 22.26 -29.75
CA GLY A 260 20.55 23.52 -29.56
C GLY A 260 20.13 24.61 -30.52
N GLY A 261 18.90 24.55 -31.02
CA GLY A 261 18.38 25.51 -32.00
C GLY A 261 18.87 25.32 -33.42
N ARG A 262 19.64 24.25 -33.65
CA ARG A 262 20.21 23.98 -34.98
C ARG A 262 19.34 23.01 -35.78
N CYS A 263 18.18 23.55 -36.16
CA CYS A 263 17.12 22.79 -36.81
C CYS A 263 16.13 23.73 -37.54
N GLN A 264 15.48 23.21 -38.59
CA GLN A 264 14.23 23.74 -39.14
C GLN A 264 13.09 23.00 -38.45
N HIS A 265 12.09 23.77 -37.96
CA HIS A 265 10.93 23.24 -37.23
C HIS A 265 9.60 23.73 -37.83
N SER A 266 8.67 22.82 -38.10
CA SER A 266 7.31 23.16 -38.42
C SER A 266 6.33 22.35 -37.55
N VAL A 267 5.12 22.88 -37.36
CA VAL A 267 4.08 22.18 -36.64
C VAL A 267 2.98 21.94 -37.58
N LEU A 268 2.44 20.73 -37.49
CA LEU A 268 1.29 20.29 -38.22
C LEU A 268 0.12 20.09 -37.23
N GLY A 269 -1.12 20.31 -37.67
CA GLY A 269 -2.24 19.92 -36.79
C GLY A 269 -3.03 18.87 -37.51
N ASP A 270 -3.06 17.66 -36.97
CA ASP A 270 -3.71 16.52 -37.61
C ASP A 270 -3.31 16.36 -39.08
N PHE A 271 -2.01 16.37 -39.32
CA PHE A 271 -1.38 16.14 -40.65
C PHE A 271 -1.43 17.30 -41.60
N LYS A 272 -2.13 18.38 -41.28
CA LYS A 272 -2.14 19.54 -42.15
C LYS A 272 -1.36 20.66 -41.45
N PRO A 273 -0.79 21.58 -42.22
CA PRO A 273 -0.13 22.77 -41.68
C PRO A 273 -0.94 23.48 -40.60
N TYR A 274 -0.28 23.81 -39.51
CA TYR A 274 -0.92 24.62 -38.50
C TYR A 274 -0.49 26.05 -38.62
N ARG A 275 -1.48 26.93 -38.63
CA ARG A 275 -1.30 28.37 -38.62
C ARG A 275 -1.86 28.87 -37.32
N PRO A 276 -1.07 29.65 -36.61
CA PRO A 276 -1.60 30.15 -35.33
C PRO A 276 -2.71 31.19 -35.60
N GLY A 277 -3.82 31.03 -34.86
CA GLY A 277 -5.04 31.80 -35.08
C GLY A 277 -5.97 31.18 -36.10
N GLN A 278 -5.54 30.11 -36.80
CA GLN A 278 -6.47 29.41 -37.71
C GLN A 278 -7.68 28.97 -36.90
N ALA A 279 -8.82 28.77 -37.56
CA ALA A 279 -10.07 28.41 -36.87
C ALA A 279 -10.11 26.95 -36.45
N TYR A 280 -9.54 26.07 -37.27
CA TYR A 280 -9.58 24.61 -36.99
C TYR A 280 -8.71 24.21 -35.82
N VAL A 281 -9.30 23.60 -34.81
CA VAL A 281 -8.63 23.20 -33.57
C VAL A 281 -8.21 21.73 -33.64
N PRO A 282 -6.91 21.46 -33.84
CA PRO A 282 -6.43 20.07 -33.98
C PRO A 282 -6.52 19.22 -32.73
N CYS A 283 -6.69 17.92 -32.96
CA CYS A 283 -6.61 16.92 -31.92
C CYS A 283 -5.17 16.64 -31.49
N TYR A 284 -4.25 16.66 -32.45
CA TYR A 284 -2.82 16.39 -32.20
C TYR A 284 -1.95 17.42 -32.90
N PHE A 285 -0.82 17.73 -32.27
CA PHE A 285 0.19 18.56 -32.89
C PHE A 285 1.39 17.68 -33.20
N ILE A 286 1.84 17.68 -34.43
CA ILE A 286 3.02 16.92 -34.83
C ILE A 286 4.12 17.89 -35.21
N HIS A 287 5.23 17.81 -34.50
CA HIS A 287 6.37 18.65 -34.81
C HIS A 287 7.28 17.91 -35.73
N VAL A 288 7.55 18.50 -36.90
CA VAL A 288 8.50 17.95 -37.84
C VAL A 288 9.80 18.80 -37.81
N LEU A 289 10.95 18.18 -37.47
CA LEU A 289 12.20 18.90 -37.32
C LEU A 289 13.26 18.27 -38.17
N LYS A 290 14.07 19.11 -38.82
CA LYS A 290 15.10 18.62 -39.67
C LYS A 290 16.37 19.21 -39.14
N LYS A 291 17.28 18.32 -38.78
CA LYS A 291 18.53 18.69 -38.18
C LYS A 291 19.46 19.34 -39.21
N THR A 292 19.78 20.62 -39.03
CA THR A 292 20.76 21.31 -39.88
C THR A 292 21.85 21.69 -38.90
N GLY A 293 22.74 20.73 -38.73
CA GLY A 293 23.44 20.49 -37.46
C GLY A 293 23.87 19.02 -37.52
N VAL B 2 -11.71 10.03 2.77
CA VAL B 2 -10.66 10.72 3.60
C VAL B 2 -9.35 9.90 3.68
N ASP B 3 -9.37 8.61 3.48
CA ASP B 3 -8.15 7.82 3.61
C ASP B 3 -7.71 7.29 2.22
N SER B 4 -8.36 7.76 1.14
CA SER B 4 -8.08 7.22 -0.21
C SER B 4 -6.72 7.58 -0.77
N VAL B 5 -6.26 6.75 -1.70
CA VAL B 5 -5.11 7.05 -2.54
C VAL B 5 -5.45 7.18 -4.04
N TYR B 6 -4.51 7.78 -4.76
CA TYR B 6 -4.71 8.13 -6.13
C TYR B 6 -3.47 7.52 -6.79
N ARG B 7 -3.67 6.53 -7.65
CA ARG B 7 -2.60 5.95 -8.46
C ARG B 7 -2.37 6.83 -9.68
N THR B 8 -1.17 6.78 -10.23
CA THR B 8 -0.88 7.40 -11.50
C THR B 8 -1.42 6.51 -12.63
N ARG B 9 -1.37 5.21 -12.40
CA ARG B 9 -1.80 4.25 -13.42
C ARG B 9 -2.25 2.97 -12.72
N SER B 10 -3.19 2.26 -13.36
CA SER B 10 -3.71 1.05 -12.78
C SER B 10 -2.55 0.07 -12.51
N LEU B 11 -2.74 -0.82 -11.54
CA LEU B 11 -1.91 -2.02 -11.40
C LEU B 11 -1.90 -2.79 -12.72
N GLY B 12 -0.70 -3.15 -13.15
CA GLY B 12 -0.47 -4.10 -14.24
C GLY B 12 -0.36 -3.49 -15.63
N VAL B 13 -0.67 -2.22 -15.73
CA VAL B 13 -0.74 -1.54 -16.99
C VAL B 13 0.62 -0.92 -17.41
N ALA B 14 0.87 -0.75 -18.72
CA ALA B 14 2.14 -0.12 -19.19
C ALA B 14 1.87 1.04 -20.14
N ALA B 15 2.94 1.67 -20.57
CA ALA B 15 2.75 2.76 -21.51
C ALA B 15 4.08 2.95 -22.26
N GLU B 16 3.97 3.37 -23.52
CA GLU B 16 5.15 3.48 -24.37
C GLU B 16 6.07 4.48 -23.73
N GLY B 17 7.35 4.13 -23.74
CA GLY B 17 8.38 5.07 -23.39
C GLY B 17 8.67 5.16 -21.92
N ILE B 18 7.96 4.42 -21.09
CA ILE B 18 8.31 4.38 -19.67
C ILE B 18 8.52 2.93 -19.17
N PRO B 19 9.36 2.80 -18.14
CA PRO B 19 9.57 1.40 -17.76
C PRO B 19 8.33 0.84 -17.10
N ASP B 20 8.11 -0.46 -17.23
CA ASP B 20 7.01 -1.15 -16.54
C ASP B 20 7.14 -1.08 -15.04
N GLN B 21 6.05 -1.34 -14.34
CA GLN B 21 6.04 -1.07 -12.87
C GLN B 21 7.08 -1.84 -12.08
N TYR B 22 7.92 -1.10 -11.37
CA TYR B 22 9.01 -1.64 -10.60
C TYR B 22 10.03 -2.41 -11.45
N ALA B 23 9.95 -2.35 -12.79
CA ALA B 23 10.91 -3.15 -13.58
C ALA B 23 12.41 -2.79 -13.31
N ASP B 24 12.70 -1.56 -12.84
CA ASP B 24 14.08 -1.06 -12.68
C ASP B 24 14.51 -0.90 -11.20
N GLY B 25 13.74 -1.46 -10.27
CA GLY B 25 14.08 -1.43 -8.89
C GLY B 25 15.25 -2.31 -8.55
N GLU B 26 15.84 -2.06 -7.40
CA GLU B 26 17.04 -2.75 -6.98
C GLU B 26 16.78 -4.25 -6.74
N ALA B 27 15.69 -4.57 -6.02
CA ALA B 27 15.34 -5.98 -5.79
C ALA B 27 15.27 -6.74 -7.10
N ALA B 28 14.58 -6.14 -8.06
CA ALA B 28 14.43 -6.64 -9.41
C ALA B 28 15.78 -6.75 -10.17
N ARG B 29 16.72 -5.86 -9.87
CA ARG B 29 18.02 -5.95 -10.52
C ARG B 29 18.79 -7.18 -10.03
N VAL B 30 18.90 -7.34 -8.71
CA VAL B 30 19.57 -8.52 -8.15
C VAL B 30 18.87 -9.82 -8.60
N TRP B 31 17.55 -9.82 -8.68
CA TRP B 31 16.79 -10.99 -9.06
C TRP B 31 17.09 -11.37 -10.50
N GLN B 32 17.38 -10.37 -11.36
CA GLN B 32 17.75 -10.69 -12.75
C GLN B 32 19.07 -11.43 -12.77
N LEU B 33 20.01 -11.08 -11.91
CA LEU B 33 21.26 -11.82 -11.86
C LEU B 33 20.99 -13.28 -11.46
N TYR B 34 20.10 -13.47 -10.46
CA TYR B 34 19.68 -14.80 -10.03
C TYR B 34 19.11 -15.67 -11.14
N ILE B 35 18.10 -15.20 -11.88
CA ILE B 35 17.47 -16.08 -12.87
C ILE B 35 18.41 -16.24 -14.09
N GLY B 36 19.46 -15.40 -14.11
CA GLY B 36 20.46 -15.42 -15.19
C GLY B 36 21.59 -16.36 -14.79
N ASP B 37 21.58 -16.86 -13.57
CA ASP B 37 22.73 -17.68 -13.08
C ASP B 37 22.65 -19.16 -13.55
N THR B 38 22.60 -19.34 -14.86
CA THR B 38 22.36 -20.65 -15.47
C THR B 38 23.29 -20.90 -16.63
N ARG B 39 24.44 -20.25 -16.64
CA ARG B 39 25.43 -20.50 -17.70
C ARG B 39 26.13 -21.85 -17.57
N SER B 40 25.86 -22.62 -16.51
CA SER B 40 26.71 -23.73 -16.18
C SER B 40 25.91 -24.99 -15.85
N ARG B 41 25.23 -25.54 -16.86
CA ARG B 41 24.35 -26.69 -16.65
C ARG B 41 25.25 -27.77 -16.11
N THR B 42 24.94 -28.45 -14.99
CA THR B 42 25.80 -29.58 -14.54
C THR B 42 25.83 -30.70 -15.57
N ALA B 43 27.00 -31.29 -15.78
CA ALA B 43 27.15 -32.40 -16.73
C ALA B 43 26.22 -33.54 -16.33
N GLU B 44 26.03 -33.72 -15.04
CA GLU B 44 25.18 -34.82 -14.52
C GLU B 44 23.65 -34.65 -14.83
N TYR B 45 23.11 -33.46 -14.65
CA TYR B 45 21.74 -33.17 -15.12
C TYR B 45 21.44 -33.59 -16.58
N LYS B 46 22.26 -33.07 -17.49
CA LYS B 46 22.15 -33.34 -18.93
C LYS B 46 22.21 -34.81 -19.26
N ALA B 47 23.23 -35.51 -18.77
CA ALA B 47 23.32 -36.95 -18.97
C ALA B 47 22.07 -37.67 -18.46
N TRP B 48 21.69 -37.33 -17.24
CA TRP B 48 20.52 -37.97 -16.66
C TRP B 48 19.28 -37.70 -17.50
N LEU B 49 18.97 -36.44 -17.82
CA LEU B 49 17.69 -36.19 -18.50
C LEU B 49 17.68 -36.79 -19.91
N LEU B 50 18.78 -36.67 -20.65
CA LEU B 50 18.82 -37.21 -22.02
C LEU B 50 18.71 -38.70 -21.98
N GLY B 51 19.49 -39.32 -21.11
CA GLY B 51 19.43 -40.77 -20.89
C GLY B 51 17.99 -41.21 -20.67
N LEU B 52 17.34 -40.56 -19.70
CA LEU B 52 15.93 -40.83 -19.40
C LEU B 52 15.00 -40.69 -20.59
N LEU B 53 15.14 -39.62 -21.34
CA LEU B 53 14.24 -39.40 -22.47
C LEU B 53 14.59 -40.30 -23.68
N ARG B 54 15.87 -40.59 -23.87
CA ARG B 54 16.28 -41.49 -24.97
C ARG B 54 15.83 -42.92 -24.70
N GLN B 55 16.00 -43.31 -23.45
CA GLN B 55 15.51 -44.57 -22.93
C GLN B 55 14.08 -44.85 -23.32
N HIS B 56 13.19 -43.90 -23.12
CA HIS B 56 11.75 -44.12 -23.38
C HIS B 56 11.35 -43.78 -24.80
N GLY B 57 12.32 -43.41 -25.61
CA GLY B 57 12.09 -43.04 -27.00
C GLY B 57 11.35 -41.73 -27.23
N CYS B 58 11.57 -40.74 -26.37
CA CYS B 58 10.82 -39.50 -26.47
C CYS B 58 11.29 -38.61 -27.61
N HIS B 59 10.36 -38.03 -28.37
CA HIS B 59 10.72 -37.02 -29.35
C HIS B 59 10.08 -35.61 -29.14
N ARG B 60 8.76 -35.59 -28.91
CA ARG B 60 8.01 -34.36 -28.68
C ARG B 60 7.85 -34.14 -27.20
N VAL B 61 8.41 -33.04 -26.73
CA VAL B 61 8.46 -32.77 -25.34
C VAL B 61 7.82 -31.41 -25.07
N LEU B 62 6.89 -31.38 -24.11
CA LEU B 62 6.34 -30.16 -23.51
C LEU B 62 7.07 -29.78 -22.21
N ASP B 63 7.75 -28.62 -22.19
CA ASP B 63 8.23 -28.02 -20.89
C ASP B 63 7.12 -27.07 -20.35
N VAL B 64 6.44 -27.46 -19.29
CA VAL B 64 5.42 -26.62 -18.70
C VAL B 64 5.90 -25.57 -17.72
N ALA B 65 7.20 -25.48 -17.42
CA ALA B 65 7.75 -24.39 -16.64
C ALA B 65 8.95 -23.72 -17.39
N CYS B 66 8.69 -23.19 -18.56
CA CYS B 66 9.75 -22.79 -19.46
C CYS B 66 10.76 -21.85 -18.84
N GLY B 67 10.30 -20.87 -18.08
CA GLY B 67 11.15 -19.82 -17.53
C GLY B 67 11.93 -19.13 -18.64
N THR B 68 13.24 -18.95 -18.41
CA THR B 68 14.16 -18.34 -19.37
C THR B 68 14.42 -19.25 -20.59
N GLY B 69 13.96 -20.50 -20.57
CA GLY B 69 14.21 -21.45 -21.67
C GLY B 69 15.34 -22.42 -21.48
N VAL B 70 16.04 -22.36 -20.35
CA VAL B 70 17.34 -23.09 -20.30
C VAL B 70 17.16 -24.59 -20.31
N ASP B 71 16.18 -25.14 -19.61
CA ASP B 71 15.97 -26.62 -19.70
C ASP B 71 15.65 -26.96 -21.15
N SER B 72 14.75 -26.15 -21.73
CA SER B 72 14.24 -26.36 -23.06
C SER B 72 15.30 -26.15 -24.17
N ILE B 73 16.21 -25.20 -23.99
CA ILE B 73 17.24 -24.91 -25.00
C ILE B 73 18.14 -26.16 -25.21
N MET B 74 18.49 -26.84 -24.13
CA MET B 74 19.30 -28.07 -24.25
C MET B 74 18.60 -29.10 -25.13
N LEU B 75 17.30 -29.24 -24.89
CA LEU B 75 16.53 -30.23 -25.59
C LEU B 75 16.43 -29.86 -27.05
N VAL B 76 16.18 -28.58 -27.36
CA VAL B 76 16.23 -28.13 -28.77
C VAL B 76 17.61 -28.48 -29.41
N GLU B 77 18.69 -28.13 -28.74
CA GLU B 77 20.02 -28.47 -29.24
C GLU B 77 20.18 -29.98 -29.52
N GLU B 78 19.57 -30.83 -28.70
CA GLU B 78 19.78 -32.25 -28.83
C GLU B 78 18.79 -32.90 -29.76
N GLY B 79 17.99 -32.10 -30.46
CA GLY B 79 17.17 -32.61 -31.61
C GLY B 79 15.77 -33.07 -31.22
N PHE B 80 15.29 -32.65 -30.05
CA PHE B 80 13.90 -32.93 -29.63
C PHE B 80 12.96 -31.95 -30.30
N SER B 81 11.68 -32.28 -30.35
CA SER B 81 10.66 -31.34 -30.83
C SER B 81 9.97 -30.76 -29.61
N VAL B 82 10.33 -29.51 -29.26
CA VAL B 82 10.01 -28.84 -27.99
C VAL B 82 8.88 -27.76 -28.10
N THR B 83 7.98 -27.78 -27.12
CA THR B 83 7.00 -26.74 -26.89
C THR B 83 7.23 -26.32 -25.45
N SER B 84 7.45 -25.04 -25.23
CA SER B 84 7.81 -24.54 -23.94
C SER B 84 6.78 -23.52 -23.55
N VAL B 85 6.27 -23.58 -22.32
CA VAL B 85 5.26 -22.61 -21.92
C VAL B 85 5.54 -22.12 -20.52
N ASP B 86 5.10 -20.92 -20.23
CA ASP B 86 5.12 -20.41 -18.86
C ASP B 86 3.97 -19.42 -18.75
N ALA B 87 3.52 -19.24 -17.51
CA ALA B 87 2.54 -18.21 -17.16
C ALA B 87 3.20 -16.88 -16.99
N SER B 88 4.53 -16.87 -16.79
CA SER B 88 5.27 -15.63 -16.64
C SER B 88 5.84 -15.03 -17.91
N ASP B 89 5.30 -13.88 -18.30
CA ASP B 89 5.73 -13.25 -19.54
C ASP B 89 7.07 -12.62 -19.35
N LYS B 90 7.37 -12.22 -18.13
CA LYS B 90 8.65 -11.66 -17.84
C LYS B 90 9.81 -12.63 -17.94
N MET B 91 9.65 -13.86 -17.48
CA MET B 91 10.71 -14.85 -17.70
C MET B 91 10.77 -15.28 -19.17
N LEU B 92 9.61 -15.58 -19.71
CA LEU B 92 9.44 -16.01 -21.10
C LEU B 92 10.12 -15.04 -22.08
N LYS B 93 10.20 -13.77 -21.71
CA LYS B 93 10.92 -12.79 -22.50
C LYS B 93 12.26 -13.29 -22.99
N TYR B 94 13.03 -13.82 -22.04
CA TYR B 94 14.41 -14.26 -22.22
C TYR B 94 14.50 -15.55 -23.05
N ALA B 95 13.55 -16.45 -22.88
CA ALA B 95 13.48 -17.59 -23.79
C ALA B 95 13.24 -17.12 -25.24
N LEU B 96 12.28 -16.22 -25.43
CA LEU B 96 11.90 -15.73 -26.75
C LEU B 96 13.08 -14.92 -27.35
N LYS B 97 13.82 -14.19 -26.50
CA LYS B 97 15.02 -13.49 -26.96
C LYS B 97 16.00 -14.50 -27.60
N GLU B 98 16.15 -15.65 -26.94
CA GLU B 98 17.18 -16.62 -27.33
C GLU B 98 16.81 -17.36 -28.60
N ARG B 99 15.54 -17.65 -28.77
CA ARG B 99 15.10 -18.27 -30.02
C ARG B 99 15.30 -17.29 -31.20
N TRP B 100 14.96 -16.02 -31.01
CA TRP B 100 15.16 -15.03 -32.04
C TRP B 100 16.63 -14.96 -32.43
N ASN B 101 17.48 -14.84 -31.43
CA ASN B 101 18.89 -14.80 -31.62
C ASN B 101 19.42 -15.98 -32.43
N ARG B 102 18.75 -17.13 -32.32
CA ARG B 102 19.25 -18.35 -32.92
C ARG B 102 18.32 -18.84 -34.03
N ARG B 103 17.48 -17.97 -34.58
CA ARG B 103 16.42 -18.42 -35.49
C ARG B 103 16.99 -18.98 -36.79
N LYS B 104 18.28 -18.71 -37.07
CA LYS B 104 18.88 -19.07 -38.39
C LYS B 104 19.33 -20.53 -38.38
N GLU B 105 19.33 -21.14 -37.18
CA GLU B 105 19.37 -22.59 -36.95
C GLU B 105 17.95 -23.12 -36.94
N PRO B 106 17.64 -24.10 -37.81
CA PRO B 106 16.22 -24.44 -37.99
C PRO B 106 15.62 -25.11 -36.78
N ALA B 107 16.45 -25.75 -35.98
CA ALA B 107 15.97 -26.41 -34.77
C ALA B 107 15.20 -25.42 -33.88
N PHE B 108 15.70 -24.18 -33.87
CA PHE B 108 15.19 -23.12 -33.01
C PHE B 108 14.04 -22.40 -33.72
N ASP B 109 14.08 -22.38 -35.06
CA ASP B 109 12.92 -21.94 -35.84
C ASP B 109 11.71 -22.83 -35.55
N LYS B 110 11.93 -24.10 -35.27
CA LYS B 110 10.80 -25.00 -34.98
C LYS B 110 10.39 -25.04 -33.48
N TRP B 111 11.17 -24.41 -32.60
CA TRP B 111 10.89 -24.40 -31.14
C TRP B 111 9.64 -23.52 -30.86
N VAL B 112 8.65 -24.10 -30.19
CA VAL B 112 7.42 -23.39 -29.92
C VAL B 112 7.44 -22.88 -28.50
N ILE B 113 7.22 -21.56 -28.37
CA ILE B 113 7.20 -20.90 -27.08
C ILE B 113 5.86 -20.10 -27.05
N GLU B 114 5.06 -20.29 -25.98
CA GLU B 114 3.79 -19.62 -25.83
C GLU B 114 3.54 -19.46 -24.32
N GLU B 115 2.71 -18.48 -23.98
CA GLU B 115 2.19 -18.27 -22.63
C GLU B 115 1.05 -19.28 -22.35
N ALA B 116 1.07 -19.89 -21.16
CA ALA B 116 0.04 -20.82 -20.70
C ALA B 116 0.15 -21.00 -19.17
N ASN B 117 -0.98 -21.18 -18.50
CA ASN B 117 -1.08 -21.31 -17.04
C ASN B 117 -1.50 -22.76 -16.69
N TRP B 118 -0.82 -23.37 -15.69
CA TRP B 118 -1.17 -24.74 -15.31
C TRP B 118 -2.67 -24.82 -14.99
N LEU B 119 -3.23 -23.77 -14.40
CA LEU B 119 -4.63 -23.83 -13.98
C LEU B 119 -5.63 -23.75 -15.13
N THR B 120 -5.21 -23.28 -16.32
CA THR B 120 -6.08 -23.32 -17.49
C THR B 120 -5.38 -23.95 -18.70
N LEU B 121 -4.63 -25.02 -18.45
CA LEU B 121 -3.63 -25.52 -19.39
C LEU B 121 -4.35 -26.25 -20.48
N ASP B 122 -5.39 -26.98 -20.11
CA ASP B 122 -6.36 -27.53 -21.05
C ASP B 122 -6.63 -26.57 -22.23
N LYS B 123 -6.98 -25.33 -21.95
CA LYS B 123 -7.44 -24.37 -22.97
C LYS B 123 -6.26 -23.78 -23.69
N ASP B 124 -5.20 -23.50 -22.93
CA ASP B 124 -4.11 -22.65 -23.41
C ASP B 124 -3.16 -23.38 -24.33
N VAL B 125 -3.09 -24.71 -24.19
CA VAL B 125 -2.32 -25.57 -25.10
C VAL B 125 -3.25 -26.50 -25.91
N PRO B 126 -3.09 -26.50 -27.24
CA PRO B 126 -3.68 -27.62 -28.00
C PRO B 126 -2.95 -28.97 -27.73
N ALA B 127 -3.63 -29.91 -27.05
CA ALA B 127 -3.03 -31.20 -26.59
C ALA B 127 -2.88 -32.31 -27.71
N GLY B 128 -3.81 -32.36 -28.67
CA GLY B 128 -3.77 -33.42 -29.72
C GLY B 128 -4.07 -34.76 -29.07
N ASP B 129 -3.21 -35.77 -29.28
CA ASP B 129 -3.20 -36.93 -28.37
C ASP B 129 -2.07 -36.81 -27.31
N GLY B 130 -1.47 -35.63 -27.19
CA GLY B 130 -0.53 -35.36 -26.09
C GLY B 130 0.93 -35.50 -26.47
N PHE B 131 1.76 -35.33 -25.45
CA PHE B 131 3.23 -35.26 -25.58
C PHE B 131 3.88 -36.55 -25.15
N ASP B 132 5.08 -36.82 -25.69
CA ASP B 132 5.79 -38.05 -25.38
C ASP B 132 6.30 -37.91 -23.96
N ALA B 133 6.70 -36.68 -23.62
CA ALA B 133 7.16 -36.33 -22.28
C ALA B 133 6.88 -34.86 -21.94
N VAL B 134 6.54 -34.63 -20.69
CA VAL B 134 6.24 -33.28 -20.13
C VAL B 134 7.19 -33.10 -18.95
N ILE B 135 7.97 -32.01 -18.90
CA ILE B 135 8.91 -31.78 -17.81
C ILE B 135 8.49 -30.50 -17.06
N CYS B 136 8.56 -30.58 -15.75
CA CYS B 136 8.35 -29.44 -14.89
C CYS B 136 9.46 -29.53 -13.82
N LEU B 137 10.63 -28.97 -14.10
CA LEU B 137 11.85 -29.19 -13.30
C LEU B 137 12.36 -27.92 -12.69
N GLY B 138 13.31 -28.01 -11.77
CA GLY B 138 13.86 -26.83 -11.16
C GLY B 138 13.05 -26.40 -9.95
N ASN B 139 12.13 -27.22 -9.46
CA ASN B 139 11.31 -26.85 -8.31
C ASN B 139 10.37 -25.69 -8.62
N SER B 140 9.91 -25.63 -9.85
CA SER B 140 9.02 -24.63 -10.29
C SER B 140 7.62 -24.82 -9.76
N PHE B 141 7.18 -26.10 -9.70
CA PHE B 141 5.83 -26.36 -9.19
C PHE B 141 5.54 -25.69 -7.84
N ALA B 142 6.53 -25.72 -6.99
CA ALA B 142 6.44 -25.15 -5.64
C ALA B 142 6.18 -23.64 -5.58
N HIS B 143 6.38 -22.97 -6.70
CA HIS B 143 6.03 -21.54 -6.80
C HIS B 143 4.55 -21.26 -6.61
N LEU B 144 3.70 -22.26 -6.82
CA LEU B 144 2.23 -22.11 -6.73
C LEU B 144 1.77 -22.24 -5.23
N PRO B 145 1.31 -21.13 -4.63
CA PRO B 145 0.86 -21.17 -3.26
C PRO B 145 -0.48 -21.82 -3.16
N ASP B 146 -0.87 -22.09 -1.93
CA ASP B 146 -2.18 -22.64 -1.64
C ASP B 146 -3.04 -21.56 -1.03
N SER B 147 -3.49 -20.65 -1.88
CA SER B 147 -4.23 -19.49 -1.41
C SER B 147 -5.64 -19.83 -1.02
N LYS B 148 -6.22 -20.94 -1.51
CA LYS B 148 -7.56 -21.28 -1.03
C LYS B 148 -7.56 -22.08 0.29
N GLY B 149 -6.44 -22.68 0.64
CA GLY B 149 -6.24 -23.42 1.93
C GLY B 149 -6.44 -24.90 1.82
N ASP B 150 -6.90 -25.37 0.69
CA ASP B 150 -7.29 -26.74 0.57
C ASP B 150 -6.45 -27.56 -0.47
N GLN B 151 -5.45 -26.93 -1.07
CA GLN B 151 -4.64 -27.44 -2.15
C GLN B 151 -5.36 -27.70 -3.43
N SER B 152 -6.56 -27.12 -3.62
CA SER B 152 -7.31 -27.32 -4.85
C SER B 152 -6.58 -26.78 -6.09
N GLU B 153 -5.83 -25.71 -5.93
CA GLU B 153 -5.06 -25.17 -7.04
C GLU B 153 -3.97 -26.17 -7.36
N HIS B 154 -3.25 -26.66 -6.36
CA HIS B 154 -2.28 -27.72 -6.61
C HIS B 154 -2.87 -28.94 -7.44
N ARG B 155 -3.98 -29.52 -6.95
CA ARG B 155 -4.67 -30.56 -7.69
C ARG B 155 -5.01 -30.18 -9.13
N LEU B 156 -5.64 -29.03 -9.36
CA LEU B 156 -6.04 -28.63 -10.73
C LEU B 156 -4.78 -28.48 -11.62
N ALA B 157 -3.75 -27.85 -11.05
CA ALA B 157 -2.51 -27.60 -11.76
C ALA B 157 -1.93 -28.94 -12.22
N LEU B 158 -1.72 -29.87 -11.28
CA LEU B 158 -1.20 -31.23 -11.61
C LEU B 158 -2.05 -32.04 -12.58
N LYS B 159 -3.37 -31.98 -12.35
CA LYS B 159 -4.29 -32.73 -13.21
C LYS B 159 -4.20 -32.23 -14.64
N ASN B 160 -4.03 -30.93 -14.81
CA ASN B 160 -3.91 -30.34 -16.12
C ASN B 160 -2.55 -30.70 -16.76
N ILE B 161 -1.48 -30.67 -15.97
CA ILE B 161 -0.14 -31.09 -16.43
C ILE B 161 -0.16 -32.53 -16.93
N ALA B 162 -0.70 -33.40 -16.10
CA ALA B 162 -0.80 -34.79 -16.41
C ALA B 162 -1.58 -35.00 -17.69
N SER B 163 -2.63 -34.22 -17.94
CA SER B 163 -3.44 -34.46 -19.15
C SER B 163 -2.64 -34.27 -20.44
N MET B 164 -1.50 -33.58 -20.37
CA MET B 164 -0.68 -33.27 -21.56
C MET B 164 0.10 -34.50 -22.02
N VAL B 165 0.30 -35.43 -21.10
CA VAL B 165 1.10 -36.62 -21.35
C VAL B 165 0.32 -37.60 -22.24
N ARG B 166 0.94 -38.05 -23.33
CA ARG B 166 0.24 -38.99 -24.19
C ARG B 166 0.08 -40.36 -23.47
N PRO B 167 -0.92 -41.17 -23.87
CA PRO B 167 -0.95 -42.52 -23.32
C PRO B 167 0.41 -43.21 -23.50
N GLY B 168 0.95 -43.78 -22.42
CA GLY B 168 2.30 -44.34 -22.43
C GLY B 168 3.46 -43.35 -22.37
N GLY B 169 3.20 -42.07 -22.11
CA GLY B 169 4.27 -41.07 -22.11
C GLY B 169 4.68 -40.79 -20.69
N LEU B 170 5.60 -39.85 -20.51
CA LEU B 170 6.19 -39.56 -19.19
C LEU B 170 5.87 -38.16 -18.69
N LEU B 171 5.78 -38.02 -17.37
CA LEU B 171 5.84 -36.75 -16.67
C LEU B 171 7.00 -36.82 -15.72
N VAL B 172 7.80 -35.76 -15.74
CA VAL B 172 8.95 -35.66 -14.92
C VAL B 172 8.83 -34.31 -14.14
N ILE B 173 8.62 -34.36 -12.83
CA ILE B 173 8.31 -33.14 -12.05
C ILE B 173 9.02 -33.21 -10.71
N ASP B 174 9.64 -32.11 -10.32
CA ASP B 174 10.51 -32.11 -9.13
C ASP B 174 10.05 -31.15 -8.07
N HIS B 175 10.64 -31.35 -6.89
CA HIS B 175 10.55 -30.42 -5.81
C HIS B 175 11.77 -30.55 -4.95
N ARG B 176 12.07 -29.44 -4.33
CA ARG B 176 13.15 -29.41 -3.45
C ARG B 176 12.71 -30.17 -2.21
N ASN B 177 13.67 -30.58 -1.41
CA ASN B 177 13.41 -31.42 -0.26
C ASN B 177 13.00 -30.51 0.87
N TYR B 178 11.71 -30.33 0.99
CA TYR B 178 11.15 -29.50 2.03
C TYR B 178 10.97 -30.28 3.31
N ASP B 179 10.94 -31.60 3.24
CA ASP B 179 11.05 -32.39 4.47
C ASP B 179 12.29 -31.87 5.31
N TYR B 180 13.43 -31.84 4.67
CA TYR B 180 14.67 -31.36 5.29
C TYR B 180 14.60 -29.88 5.65
N ILE B 181 14.09 -29.02 4.76
CA ILE B 181 14.10 -27.59 5.06
C ILE B 181 13.18 -27.29 6.23
N LEU B 182 12.02 -27.93 6.24
CA LEU B 182 11.09 -27.73 7.35
C LEU B 182 11.70 -28.22 8.71
N SER B 183 12.46 -29.32 8.70
CA SER B 183 13.09 -29.86 9.94
C SER B 183 14.17 -28.96 10.47
N THR B 184 14.98 -28.38 9.59
CA THR B 184 16.08 -27.55 10.05
C THR B 184 15.70 -26.05 10.13
N GLY B 185 14.60 -25.70 9.46
CA GLY B 185 14.15 -24.33 9.35
C GLY B 185 14.96 -23.46 8.39
N CYS B 186 16.00 -24.06 7.74
CA CYS B 186 16.98 -23.33 6.88
C CYS B 186 17.21 -23.95 5.48
N ALA B 187 17.03 -23.14 4.45
CA ALA B 187 17.17 -23.59 3.06
C ALA B 187 18.62 -23.35 2.62
N PRO B 188 19.45 -24.41 2.51
CA PRO B 188 20.85 -24.08 2.18
C PRO B 188 21.00 -23.51 0.74
N PRO B 189 21.87 -22.48 0.56
CA PRO B 189 22.15 -21.85 -0.76
C PRO B 189 23.12 -22.66 -1.65
N GLY B 190 23.03 -22.50 -2.97
CA GLY B 190 24.04 -23.07 -3.89
C GLY B 190 23.97 -24.57 -4.08
N LYS B 191 22.79 -25.14 -3.89
CA LYS B 191 22.62 -26.59 -3.95
C LYS B 191 21.88 -27.05 -5.23
N ASN B 192 21.58 -26.12 -6.15
CA ASN B 192 20.93 -26.41 -7.41
C ASN B 192 21.72 -27.47 -8.10
N ILE B 193 21.07 -28.59 -8.37
CA ILE B 193 21.75 -29.74 -8.96
C ILE B 193 21.79 -29.66 -10.49
N TYR B 194 21.02 -28.70 -11.04
CA TYR B 194 20.76 -28.56 -12.48
C TYR B 194 21.74 -27.63 -13.16
N TYR B 195 21.95 -26.48 -12.52
CA TYR B 195 22.82 -25.40 -12.97
C TYR B 195 23.66 -24.97 -11.76
N LYS B 196 24.99 -25.04 -11.87
CA LYS B 196 25.88 -24.61 -10.75
C LYS B 196 25.92 -23.08 -10.56
N SER B 197 25.57 -22.62 -9.36
CA SER B 197 25.65 -21.18 -9.02
C SER B 197 27.04 -20.62 -9.18
N ASP B 198 27.14 -19.54 -9.94
CA ASP B 198 28.33 -18.71 -9.94
C ASP B 198 28.13 -17.57 -8.95
N LEU B 199 26.90 -17.34 -8.52
CA LEU B 199 26.53 -16.13 -7.77
C LEU B 199 26.38 -16.38 -6.26
N THR B 200 27.15 -15.68 -5.43
CA THR B 200 27.09 -15.89 -3.97
C THR B 200 25.91 -15.12 -3.31
N LYS B 201 25.01 -15.91 -2.70
CA LYS B 201 23.87 -15.40 -1.98
C LYS B 201 23.84 -15.91 -0.53
N ASP B 202 23.49 -15.03 0.39
CA ASP B 202 23.22 -15.42 1.77
C ASP B 202 21.69 -15.52 1.88
N ILE B 203 21.17 -16.61 2.42
CA ILE B 203 19.70 -16.83 2.49
C ILE B 203 19.19 -16.83 3.93
N THR B 204 18.14 -16.06 4.16
CA THR B 204 17.32 -16.15 5.36
C THR B 204 16.01 -16.87 4.99
N THR B 205 15.59 -17.79 5.84
CA THR B 205 14.52 -18.71 5.54
C THR B 205 13.44 -18.47 6.59
N SER B 206 12.27 -18.00 6.15
CA SER B 206 11.15 -17.77 7.01
C SER B 206 10.11 -18.84 6.77
N VAL B 207 9.75 -19.56 7.81
CA VAL B 207 8.75 -20.60 7.67
C VAL B 207 7.49 -20.08 8.36
N LEU B 208 6.38 -20.05 7.63
CA LEU B 208 5.05 -19.77 8.23
C LEU B 208 4.33 -21.06 8.47
N THR B 209 3.96 -21.33 9.71
CA THR B 209 3.13 -22.46 10.04
C THR B 209 1.74 -21.96 10.46
N VAL B 210 0.68 -22.59 9.95
CA VAL B 210 -0.70 -22.15 10.28
C VAL B 210 -1.52 -23.29 10.87
N ASN B 211 -1.93 -23.12 12.12
CA ASN B 211 -2.57 -24.16 12.89
C ASN B 211 -1.72 -25.46 12.84
N ASN B 212 -0.42 -25.24 12.98
CA ASN B 212 0.60 -26.27 13.01
C ASN B 212 0.86 -26.93 11.65
N LYS B 213 0.32 -26.35 10.58
CA LYS B 213 0.62 -26.84 9.21
C LYS B 213 1.44 -25.84 8.42
N ALA B 214 2.57 -26.30 7.93
CA ALA B 214 3.43 -25.55 7.06
C ALA B 214 2.64 -25.03 5.88
N HIS B 215 2.75 -23.72 5.65
CA HIS B 215 1.96 -23.03 4.64
C HIS B 215 2.85 -22.38 3.58
N MET B 216 4.02 -21.90 3.98
CA MET B 216 4.88 -21.07 3.16
C MET B 216 6.33 -20.99 3.64
N VAL B 217 7.26 -21.08 2.68
CA VAL B 217 8.67 -20.81 2.95
C VAL B 217 9.09 -19.60 2.08
N THR B 218 9.63 -18.57 2.69
CA THR B 218 9.95 -17.31 2.06
C THR B 218 11.42 -17.23 2.22
N LEU B 219 12.12 -17.06 1.10
CA LEU B 219 13.55 -16.92 1.09
C LEU B 219 13.94 -15.50 0.81
N ASP B 220 14.81 -14.91 1.67
CA ASP B 220 15.39 -13.62 1.40
C ASP B 220 16.82 -13.87 0.97
N TYR B 221 17.16 -13.39 -0.22
CA TYR B 221 18.45 -13.56 -0.83
C TYR B 221 19.21 -12.26 -0.75
N THR B 222 20.37 -12.28 -0.09
CA THR B 222 21.27 -11.14 -0.03
C THR B 222 22.56 -11.44 -0.79
N VAL B 223 22.89 -10.51 -1.69
CA VAL B 223 24.04 -10.62 -2.58
C VAL B 223 24.93 -9.39 -2.32
N GLN B 224 26.17 -9.49 -2.75
CA GLN B 224 27.19 -8.43 -2.49
C GLN B 224 27.29 -7.52 -3.71
N VAL B 225 27.44 -6.22 -3.47
CA VAL B 225 27.71 -5.25 -4.53
C VAL B 225 28.82 -4.27 -4.07
N PRO B 226 30.00 -4.23 -4.76
CA PRO B 226 30.98 -3.11 -4.58
C PRO B 226 30.34 -1.71 -4.45
N GLY B 227 30.74 -0.93 -3.44
CA GLY B 227 30.07 0.34 -3.08
C GLY B 227 29.36 0.27 -1.72
N PRO B 234 32.07 -2.57 -0.15
CA PRO B 234 30.94 -3.34 -0.67
C PRO B 234 29.67 -3.21 0.21
N GLY B 235 28.53 -2.88 -0.43
CA GLY B 235 27.18 -2.88 0.20
C GLY B 235 26.36 -4.13 -0.15
N PHE B 236 25.11 -4.19 0.32
CA PHE B 236 24.26 -5.40 0.17
C PHE B 236 22.83 -5.13 -0.30
N SER B 237 22.33 -5.99 -1.19
CA SER B 237 21.00 -5.84 -1.75
C SER B 237 20.25 -7.19 -1.79
N LYS B 238 18.97 -7.14 -1.52
CA LYS B 238 18.20 -8.37 -1.33
C LYS B 238 16.95 -8.46 -2.20
N PHE B 239 16.50 -9.69 -2.41
CA PHE B 239 15.18 -9.89 -2.94
C PHE B 239 14.55 -11.12 -2.32
N ARG B 240 13.25 -11.22 -2.50
CA ARG B 240 12.47 -12.20 -1.86
C ARG B 240 11.61 -12.96 -2.83
N LEU B 241 11.61 -14.27 -2.62
CA LEU B 241 10.71 -15.20 -3.27
C LEU B 241 10.09 -16.19 -2.26
N SER B 242 8.91 -16.68 -2.60
CA SER B 242 8.20 -17.60 -1.72
C SER B 242 7.80 -18.90 -2.45
N TYR B 243 7.66 -19.96 -1.64
CA TYR B 243 7.47 -21.35 -2.10
C TYR B 243 6.47 -22.12 -1.23
N TYR B 244 5.71 -23.04 -1.82
CA TYR B 244 4.93 -23.98 -1.00
C TYR B 244 5.82 -25.22 -0.60
N PRO B 245 5.93 -25.53 0.69
CA PRO B 245 6.92 -26.56 1.11
C PRO B 245 6.40 -28.01 0.92
N HIS B 246 6.37 -28.49 -0.32
CA HIS B 246 5.86 -29.85 -0.56
C HIS B 246 6.74 -30.90 0.08
N CYS B 247 6.14 -31.71 0.93
CA CYS B 247 6.82 -32.85 1.53
C CYS B 247 6.64 -34.06 0.61
N LEU B 248 7.59 -34.99 0.66
CA LEU B 248 7.58 -36.15 -0.22
C LEU B 248 6.29 -36.99 -0.26
N ALA B 249 5.82 -37.41 0.93
CA ALA B 249 4.72 -38.37 1.05
C ALA B 249 3.51 -37.73 0.44
N SER B 250 3.30 -36.47 0.75
CA SER B 250 2.20 -35.70 0.17
C SER B 250 2.28 -35.56 -1.36
N PHE B 251 3.44 -35.16 -1.83
CA PHE B 251 3.58 -34.88 -3.25
C PHE B 251 3.42 -36.17 -4.07
N THR B 252 3.91 -37.27 -3.49
CA THR B 252 3.76 -38.61 -4.07
C THR B 252 2.31 -38.94 -4.35
N GLU B 253 1.46 -38.63 -3.39
CA GLU B 253 0.00 -38.92 -3.45
C GLU B 253 -0.65 -38.05 -4.53
N LEU B 254 -0.35 -36.77 -4.46
CA LEU B 254 -0.87 -35.76 -5.37
C LEU B 254 -0.48 -36.02 -6.82
N VAL B 255 0.75 -36.44 -7.06
CA VAL B 255 1.14 -36.63 -8.43
C VAL B 255 0.46 -37.90 -8.96
N GLN B 256 0.23 -38.88 -8.12
CA GLN B 256 -0.40 -40.12 -8.58
C GLN B 256 -1.87 -39.86 -8.91
N GLU B 257 -2.57 -39.21 -7.97
CA GLU B 257 -3.97 -38.68 -8.14
C GLU B 257 -4.19 -37.91 -9.46
N ALA B 258 -3.19 -37.15 -9.89
CA ALA B 258 -3.32 -36.38 -11.12
C ALA B 258 -3.61 -37.24 -12.36
N PHE B 259 -3.30 -38.52 -12.28
CA PHE B 259 -3.55 -39.47 -13.35
C PHE B 259 -4.64 -40.43 -12.99
N GLY B 260 -5.27 -40.17 -11.86
CA GLY B 260 -6.21 -41.11 -11.25
C GLY B 260 -5.57 -42.43 -10.87
N GLY B 261 -4.29 -42.42 -10.49
CA GLY B 261 -3.57 -43.69 -10.22
C GLY B 261 -3.19 -44.54 -11.44
N ARG B 262 -3.71 -44.18 -12.62
CA ARG B 262 -3.38 -44.90 -13.85
C ARG B 262 -1.97 -44.52 -14.31
N CYS B 263 -0.99 -44.91 -13.50
CA CYS B 263 0.39 -44.58 -13.76
C CYS B 263 1.31 -45.48 -12.93
N GLN B 264 2.57 -45.56 -13.37
CA GLN B 264 3.67 -46.14 -12.59
C GLN B 264 4.50 -44.97 -12.06
N HIS B 265 4.85 -44.96 -10.79
CA HIS B 265 5.56 -43.83 -10.20
C HIS B 265 6.85 -44.32 -9.57
N SER B 266 7.95 -43.57 -9.76
CA SER B 266 9.17 -43.83 -9.00
C SER B 266 9.80 -42.47 -8.62
N VAL B 267 10.55 -42.40 -7.53
CA VAL B 267 11.17 -41.12 -7.13
C VAL B 267 12.68 -41.20 -7.12
N LEU B 268 13.32 -40.14 -7.61
CA LEU B 268 14.76 -40.09 -7.58
C LEU B 268 15.18 -39.04 -6.53
N GLY B 269 16.36 -39.22 -5.92
CA GLY B 269 16.96 -38.20 -5.06
C GLY B 269 18.25 -37.74 -5.72
N ASP B 270 18.25 -36.51 -6.24
CA ASP B 270 19.37 -35.95 -6.98
C ASP B 270 19.84 -36.84 -8.13
N PHE B 271 18.90 -37.28 -8.95
CA PHE B 271 19.18 -38.09 -10.16
C PHE B 271 19.40 -39.58 -9.92
N LYS B 272 19.58 -40.00 -8.68
CA LYS B 272 19.78 -41.40 -8.36
C LYS B 272 18.52 -41.97 -7.71
N PRO B 273 18.28 -43.29 -7.89
CA PRO B 273 17.12 -43.91 -7.28
C PRO B 273 17.04 -43.58 -5.80
N TYR B 274 15.80 -43.39 -5.33
CA TYR B 274 15.60 -43.05 -3.96
C TYR B 274 15.08 -44.23 -3.16
N ARG B 275 15.78 -44.60 -2.11
CA ARG B 275 15.39 -45.77 -1.32
C ARG B 275 15.01 -45.29 0.04
N PRO B 276 13.73 -45.44 0.42
CA PRO B 276 13.41 -44.73 1.64
C PRO B 276 14.29 -45.20 2.78
N GLY B 277 14.56 -44.33 3.72
CA GLY B 277 15.48 -44.68 4.78
C GLY B 277 16.96 -44.56 4.42
N GLN B 278 17.30 -44.22 3.21
CA GLN B 278 18.74 -44.00 2.87
C GLN B 278 19.42 -42.88 3.72
N ALA B 279 20.70 -43.03 3.99
CA ALA B 279 21.49 -42.10 4.80
C ALA B 279 21.74 -40.77 4.03
N TYR B 280 21.96 -40.82 2.74
CA TYR B 280 22.11 -39.59 1.93
C TYR B 280 20.79 -38.86 1.78
N VAL B 281 20.74 -37.64 2.29
CA VAL B 281 19.57 -36.74 2.21
C VAL B 281 19.68 -35.83 0.98
N PRO B 282 18.80 -36.03 -0.01
CA PRO B 282 18.90 -35.40 -1.30
C PRO B 282 18.45 -33.96 -1.29
N CYS B 283 18.96 -33.15 -2.20
CA CYS B 283 18.50 -31.76 -2.37
C CYS B 283 17.17 -31.59 -3.05
N TYR B 284 16.87 -32.49 -3.96
CA TYR B 284 15.67 -32.48 -4.76
C TYR B 284 15.14 -33.91 -4.90
N PHE B 285 13.84 -34.01 -4.88
CA PHE B 285 13.19 -35.20 -5.22
C PHE B 285 12.63 -35.03 -6.66
N ILE B 286 12.82 -36.03 -7.52
CA ILE B 286 12.33 -35.94 -8.91
C ILE B 286 11.42 -37.14 -9.08
N HIS B 287 10.14 -36.88 -9.34
CA HIS B 287 9.14 -37.90 -9.53
C HIS B 287 9.03 -38.21 -11.03
N VAL B 288 9.12 -39.48 -11.39
CA VAL B 288 9.03 -39.85 -12.81
C VAL B 288 7.87 -40.80 -12.94
N LEU B 289 6.89 -40.39 -13.75
CA LEU B 289 5.66 -41.15 -13.94
C LEU B 289 5.46 -41.55 -15.42
N LYS B 290 5.13 -42.81 -15.63
CA LYS B 290 4.58 -43.27 -16.90
C LYS B 290 3.05 -43.50 -16.85
N LYS B 291 2.33 -42.78 -17.71
CA LYS B 291 0.90 -42.93 -17.89
C LYS B 291 0.65 -44.36 -18.37
N THR B 292 -0.21 -45.11 -17.66
CA THR B 292 -0.73 -46.36 -18.21
C THR B 292 -1.06 -46.09 -19.67
N GLY B 293 -1.74 -44.94 -19.81
CA GLY B 293 -2.36 -44.45 -21.03
C GLY B 293 -3.86 -44.11 -20.87
N VAL C 2 -0.20 -15.00 -4.73
CA VAL C 2 1.10 -14.78 -5.35
C VAL C 2 1.60 -13.34 -5.11
N ASP C 3 0.69 -12.36 -5.03
CA ASP C 3 1.00 -10.93 -4.92
C ASP C 3 0.56 -10.36 -3.53
N SER C 4 0.11 -11.23 -2.63
CA SER C 4 -0.46 -10.75 -1.38
C SER C 4 0.57 -10.23 -0.41
N VAL C 5 0.12 -9.36 0.50
CA VAL C 5 0.95 -8.87 1.60
C VAL C 5 0.32 -9.26 2.94
N TYR C 6 1.14 -9.51 3.95
CA TYR C 6 0.75 -10.03 5.29
C TYR C 6 1.01 -8.83 6.22
N ARG C 7 -0.02 -8.36 6.91
CA ARG C 7 0.10 -7.30 7.91
C ARG C 7 0.39 -7.92 9.26
N THR C 8 1.03 -7.17 10.15
CA THR C 8 1.14 -7.63 11.50
C THR C 8 -0.13 -7.43 12.33
N ARG C 9 -0.92 -6.42 11.96
CA ARG C 9 -2.15 -6.12 12.67
C ARG C 9 -3.12 -5.45 11.77
N SER C 10 -4.39 -5.58 12.03
CA SER C 10 -5.37 -4.94 11.18
C SER C 10 -5.26 -3.45 11.13
N LEU C 11 -5.64 -2.87 10.00
CA LEU C 11 -5.94 -1.45 9.88
C LEU C 11 -6.80 -0.98 11.05
N GLY C 12 -6.30 0.03 11.75
CA GLY C 12 -7.03 0.74 12.80
C GLY C 12 -7.06 0.11 14.20
N VAL C 13 -6.42 -1.03 14.37
CA VAL C 13 -6.42 -1.63 15.73
C VAL C 13 -5.14 -1.21 16.46
N ALA C 14 -5.17 -1.42 17.78
CA ALA C 14 -4.09 -0.98 18.64
C ALA C 14 -3.75 -2.04 19.70
N ALA C 15 -2.67 -1.86 20.44
CA ALA C 15 -2.30 -2.76 21.53
C ALA C 15 -1.58 -2.05 22.68
N GLU C 16 -1.79 -2.54 23.91
CA GLU C 16 -1.17 -1.96 25.08
C GLU C 16 0.33 -1.97 24.91
N GLY C 17 0.99 -0.89 25.26
CA GLY C 17 2.44 -0.86 25.19
C GLY C 17 3.11 -0.51 23.87
N ILE C 18 2.34 -0.35 22.83
CA ILE C 18 2.93 0.00 21.55
C ILE C 18 2.16 1.18 20.98
N PRO C 19 2.86 2.13 20.35
CA PRO C 19 2.21 3.28 19.77
C PRO C 19 1.29 2.86 18.66
N ASP C 20 0.22 3.63 18.50
CA ASP C 20 -0.73 3.43 17.47
C ASP C 20 -0.08 3.64 16.10
N GLN C 21 -0.78 3.18 15.09
CA GLN C 21 -0.22 3.10 13.73
C GLN C 21 0.18 4.47 13.27
N TYR C 22 1.47 4.64 12.98
CA TYR C 22 2.04 5.89 12.49
C TYR C 22 1.98 7.08 13.43
N ALA C 23 1.69 6.85 14.69
CA ALA C 23 1.47 7.95 15.58
C ALA C 23 2.74 8.64 15.94
N ASP C 24 3.87 7.96 15.85
CA ASP C 24 5.17 8.60 16.05
C ASP C 24 5.94 8.95 14.75
N GLY C 25 5.31 8.85 13.59
CA GLY C 25 5.99 9.18 12.35
C GLY C 25 6.40 10.64 12.24
N GLU C 26 7.26 10.95 11.29
CA GLU C 26 7.71 12.29 11.07
C GLU C 26 6.50 13.14 10.68
N ALA C 27 5.60 12.60 9.87
CA ALA C 27 4.43 13.42 9.50
C ALA C 27 3.56 13.82 10.73
N ALA C 28 3.19 12.87 11.59
CA ALA C 28 2.38 13.14 12.76
C ALA C 28 3.05 14.17 13.69
N ARG C 29 4.37 14.10 13.79
CA ARG C 29 5.11 14.95 14.67
C ARG C 29 5.04 16.41 14.18
N VAL C 30 5.15 16.68 12.88
CA VAL C 30 5.09 18.07 12.39
C VAL C 30 3.68 18.55 12.37
N TRP C 31 2.78 17.66 12.00
CA TRP C 31 1.38 17.99 12.05
C TRP C 31 0.93 18.44 13.48
N GLN C 32 1.48 17.82 14.50
CA GLN C 32 1.18 18.23 15.85
C GLN C 32 1.56 19.64 16.19
N LEU C 33 2.69 20.12 15.66
CA LEU C 33 3.07 21.51 15.82
C LEU C 33 2.08 22.45 15.09
N TYR C 34 1.69 22.08 13.90
CA TYR C 34 0.63 22.76 13.20
C TYR C 34 -0.64 22.89 13.99
N ILE C 35 -1.15 21.78 14.53
CA ILE C 35 -2.43 21.92 15.25
C ILE C 35 -2.28 22.64 16.60
N GLY C 36 -1.05 22.72 17.07
CA GLY C 36 -0.74 23.37 18.36
C GLY C 36 -0.59 24.88 18.26
N ASP C 37 -0.52 25.41 17.04
CA ASP C 37 -0.24 26.84 16.78
C ASP C 37 -1.40 27.74 17.07
N THR C 38 -2.00 27.63 18.23
CA THR C 38 -3.26 28.37 18.54
C THR C 38 -3.13 29.12 19.87
N ARG C 39 -1.90 29.52 20.17
CA ARG C 39 -1.60 30.27 21.36
C ARG C 39 -2.00 31.75 21.27
N SER C 40 -2.23 32.32 20.06
CA SER C 40 -2.53 33.77 20.00
C SER C 40 -3.86 34.02 19.30
N ARG C 41 -4.95 33.85 20.02
CA ARG C 41 -6.29 34.02 19.49
C ARG C 41 -6.47 35.49 19.14
N THR C 42 -6.97 35.83 17.97
CA THR C 42 -7.04 37.24 17.63
C THR C 42 -8.14 37.93 18.50
N ALA C 43 -7.87 39.19 18.85
CA ALA C 43 -8.81 40.08 19.57
C ALA C 43 -10.06 40.26 18.77
N GLU C 44 -9.92 40.39 17.44
CA GLU C 44 -11.11 40.59 16.62
C GLU C 44 -12.08 39.37 16.60
N TYR C 45 -11.50 38.19 16.58
CA TYR C 45 -12.27 36.96 16.55
C TYR C 45 -13.09 36.88 17.85
N LYS C 46 -12.37 37.04 18.94
CA LYS C 46 -13.02 36.96 20.23
C LYS C 46 -14.14 37.98 20.37
N ALA C 47 -13.89 39.23 19.99
CA ALA C 47 -14.82 40.28 20.25
C ALA C 47 -16.03 40.10 19.30
N TRP C 48 -15.79 39.59 18.11
CA TRP C 48 -16.88 39.34 17.18
C TRP C 48 -17.78 38.23 17.65
N LEU C 49 -17.20 37.08 18.01
CA LEU C 49 -18.02 35.92 18.38
C LEU C 49 -18.81 36.17 19.66
N LEU C 50 -18.19 36.74 20.68
CA LEU C 50 -18.91 37.07 21.90
C LEU C 50 -20.07 38.03 21.61
N GLY C 51 -19.87 38.97 20.72
CA GLY C 51 -20.89 39.94 20.42
C GLY C 51 -22.08 39.32 19.71
N LEU C 52 -21.82 38.37 18.85
CA LEU C 52 -22.88 37.79 18.05
C LEU C 52 -23.70 36.93 18.98
N LEU C 53 -23.03 36.15 19.80
CA LEU C 53 -23.74 35.29 20.73
C LEU C 53 -24.57 36.05 21.74
N ARG C 54 -24.01 37.11 22.29
CA ARG C 54 -24.75 37.94 23.25
C ARG C 54 -25.86 38.71 22.58
N GLN C 55 -25.66 39.19 21.36
CA GLN C 55 -26.77 39.94 20.75
C GLN C 55 -27.95 39.04 20.53
N HIS C 56 -27.75 37.74 20.31
CA HIS C 56 -28.90 36.84 20.04
C HIS C 56 -29.36 36.10 21.33
N GLY C 57 -28.77 36.48 22.45
CA GLY C 57 -29.12 35.88 23.74
C GLY C 57 -28.77 34.39 23.84
N CYS C 58 -27.65 33.96 23.25
CA CYS C 58 -27.28 32.54 23.24
C CYS C 58 -26.63 32.14 24.57
N HIS C 59 -27.01 30.98 25.13
CA HIS C 59 -26.22 30.44 26.27
CA HIS C 59 -26.29 30.44 26.29
C HIS C 59 -25.78 29.01 26.06
N ARG C 60 -26.62 28.14 25.49
CA ARG C 60 -26.26 26.78 25.21
C ARG C 60 -25.69 26.67 23.81
N VAL C 61 -24.40 26.36 23.77
CA VAL C 61 -23.64 26.31 22.56
C VAL C 61 -23.14 24.96 22.22
N LEU C 62 -23.38 24.54 20.95
CA LEU C 62 -22.79 23.32 20.41
C LEU C 62 -21.65 23.61 19.42
N ASP C 63 -20.43 23.18 19.74
CA ASP C 63 -19.31 23.25 18.79
C ASP C 63 -19.15 21.94 18.07
N VAL C 64 -19.56 21.90 16.80
CA VAL C 64 -19.48 20.66 16.03
C VAL C 64 -18.15 20.29 15.37
N ALA C 65 -17.12 21.11 15.59
CA ALA C 65 -15.75 20.90 15.10
C ALA C 65 -14.76 21.24 16.19
N CYS C 66 -14.93 20.59 17.33
CA CYS C 66 -14.18 20.87 18.55
C CYS C 66 -12.63 20.89 18.36
N GLY C 67 -12.10 19.92 17.63
CA GLY C 67 -10.64 19.77 17.44
C GLY C 67 -9.91 19.65 18.77
N THR C 68 -8.88 20.44 18.94
CA THR C 68 -8.17 20.54 20.18
C THR C 68 -8.88 21.31 21.23
N GLY C 69 -10.04 21.85 20.88
CA GLY C 69 -10.91 22.55 21.81
C GLY C 69 -10.78 24.05 21.89
N VAL C 70 -9.83 24.65 21.17
CA VAL C 70 -9.54 26.05 21.34
C VAL C 70 -10.69 27.05 21.10
N ASP C 71 -11.51 26.85 20.10
CA ASP C 71 -12.73 27.69 19.97
C ASP C 71 -13.65 27.54 21.18
N SER C 72 -13.90 26.30 21.62
CA SER C 72 -14.70 26.01 22.80
C SER C 72 -14.15 26.55 24.07
N ILE C 73 -12.82 26.46 24.27
CA ILE C 73 -12.24 26.88 25.52
C ILE C 73 -12.64 28.38 25.80
N MET C 74 -12.67 29.20 24.76
CA MET C 74 -12.94 30.59 24.90
C MET C 74 -14.38 30.78 25.41
N LEU C 75 -15.30 30.02 24.87
CA LEU C 75 -16.69 30.15 25.29
C LEU C 75 -16.84 29.59 26.71
N VAL C 76 -16.15 28.49 27.02
CA VAL C 76 -16.19 27.97 28.37
C VAL C 76 -15.73 29.04 29.38
N GLU C 77 -14.62 29.70 29.07
CA GLU C 77 -14.08 30.77 29.95
C GLU C 77 -15.04 31.94 30.04
N GLU C 78 -15.79 32.26 28.98
CA GLU C 78 -16.64 33.46 29.01
C GLU C 78 -18.09 33.20 29.46
N GLY C 79 -18.30 32.06 30.10
CA GLY C 79 -19.46 31.82 30.86
C GLY C 79 -20.50 30.98 30.16
N PHE C 80 -20.27 30.56 28.91
CA PHE C 80 -21.25 29.76 28.16
C PHE C 80 -21.38 28.28 28.63
N SER C 81 -22.52 27.69 28.32
CA SER C 81 -22.73 26.26 28.50
CA SER C 81 -22.73 26.25 28.51
C SER C 81 -22.38 25.55 27.19
N VAL C 82 -21.25 24.83 27.19
CA VAL C 82 -20.67 24.30 25.98
C VAL C 82 -20.66 22.82 25.94
N THR C 83 -21.11 22.34 24.77
CA THR C 83 -21.04 20.99 24.33
C THR C 83 -20.16 21.00 23.06
N SER C 84 -19.09 20.19 23.02
CA SER C 84 -18.14 20.15 21.92
C SER C 84 -18.00 18.72 21.45
N VAL C 85 -18.13 18.52 20.14
CA VAL C 85 -17.98 17.22 19.53
C VAL C 85 -17.08 17.29 18.31
N ASP C 86 -16.45 16.15 18.05
CA ASP C 86 -15.64 15.96 16.87
C ASP C 86 -15.66 14.54 16.49
N ALA C 87 -15.47 14.26 15.20
CA ALA C 87 -15.35 12.86 14.73
C ALA C 87 -13.95 12.31 14.98
N SER C 88 -12.98 13.19 15.23
CA SER C 88 -11.59 12.80 15.34
C SER C 88 -11.17 12.62 16.81
N ASP C 89 -10.97 11.38 17.23
CA ASP C 89 -10.45 11.13 18.60
C ASP C 89 -9.04 11.69 18.75
N LYS C 90 -8.26 11.71 17.67
CA LYS C 90 -6.86 12.17 17.82
C LYS C 90 -6.85 13.61 18.20
N MET C 91 -7.76 14.43 17.67
CA MET C 91 -7.74 15.84 18.03
C MET C 91 -8.46 16.08 19.35
N LEU C 92 -9.57 15.37 19.54
CA LEU C 92 -10.36 15.44 20.75
C LEU C 92 -9.48 15.13 21.99
N LYS C 93 -8.48 14.26 21.82
CA LYS C 93 -7.51 13.97 22.86
C LYS C 93 -7.03 15.24 23.57
N TYR C 94 -6.73 16.27 22.78
CA TYR C 94 -6.16 17.52 23.32
C TYR C 94 -7.14 18.38 24.07
N ALA C 95 -8.36 18.42 23.58
CA ALA C 95 -9.39 19.16 24.26
C ALA C 95 -9.63 18.49 25.59
N LEU C 96 -9.71 17.16 25.57
CA LEU C 96 -9.98 16.39 26.79
C LEU C 96 -8.92 16.63 27.84
N LYS C 97 -7.67 16.69 27.41
CA LYS C 97 -6.53 16.94 28.34
C LYS C 97 -6.60 18.29 29.04
N GLU C 98 -6.94 19.32 28.27
CA GLU C 98 -7.08 20.67 28.77
C GLU C 98 -8.23 20.73 29.78
N ARG C 99 -9.37 20.06 29.50
CA ARG C 99 -10.47 20.01 30.45
C ARG C 99 -10.03 19.34 31.76
N TRP C 100 -9.30 18.23 31.65
CA TRP C 100 -8.86 17.53 32.83
C TRP C 100 -7.90 18.44 33.61
N ASN C 101 -6.89 19.02 32.98
CA ASN C 101 -5.96 19.92 33.70
C ASN C 101 -6.74 21.02 34.44
N ARG C 102 -7.84 21.50 33.86
CA ARG C 102 -8.52 22.66 34.37
C ARG C 102 -9.75 22.33 35.18
N ARG C 103 -9.87 21.07 35.60
CA ARG C 103 -11.14 20.54 36.04
C ARG C 103 -11.61 21.13 37.38
N LYS C 104 -10.69 21.70 38.11
CA LYS C 104 -11.04 22.36 39.34
C LYS C 104 -11.71 23.70 39.09
N GLU C 105 -11.68 24.22 37.85
CA GLU C 105 -12.54 25.36 37.56
C GLU C 105 -13.98 24.87 37.24
N PRO C 106 -15.00 25.26 38.06
CA PRO C 106 -16.42 24.87 37.80
C PRO C 106 -16.81 24.98 36.35
N ALA C 107 -16.35 26.03 35.64
CA ALA C 107 -16.69 26.16 34.22
C ALA C 107 -16.28 24.94 33.41
N PHE C 108 -15.07 24.44 33.67
CA PHE C 108 -14.51 23.33 32.89
C PHE C 108 -15.09 21.97 33.30
N ASP C 109 -15.47 21.86 34.56
CA ASP C 109 -16.18 20.71 35.06
C ASP C 109 -17.50 20.49 34.34
N LYS C 110 -18.12 21.57 33.85
CA LYS C 110 -19.40 21.47 33.17
C LYS C 110 -19.27 21.49 31.65
N TRP C 111 -18.04 21.48 31.16
CA TRP C 111 -17.79 21.40 29.69
C TRP C 111 -17.99 19.93 29.22
N VAL C 112 -18.88 19.74 28.28
CA VAL C 112 -19.25 18.42 27.75
C VAL C 112 -18.51 18.25 26.44
N ILE C 113 -17.72 17.19 26.35
CA ILE C 113 -16.90 16.88 25.18
C ILE C 113 -17.16 15.43 24.83
N GLU C 114 -17.51 15.14 23.58
CA GLU C 114 -17.85 13.79 23.18
C GLU C 114 -17.55 13.65 21.70
N GLU C 115 -17.50 12.40 21.24
CA GLU C 115 -17.23 12.08 19.85
C GLU C 115 -18.58 12.05 19.12
N ALA C 116 -18.64 12.66 17.94
CA ALA C 116 -19.82 12.70 17.17
C ALA C 116 -19.43 12.99 15.72
N ASN C 117 -20.11 12.35 14.79
CA ASN C 117 -19.85 12.55 13.32
C ASN C 117 -20.99 13.36 12.69
N TRP C 118 -20.65 14.36 11.87
CA TRP C 118 -21.70 15.13 11.22
C TRP C 118 -22.73 14.26 10.43
N LEU C 119 -22.27 13.25 9.71
CA LEU C 119 -23.09 12.33 8.96
C LEU C 119 -24.09 11.49 9.74
N THR C 120 -23.89 11.37 11.06
CA THR C 120 -24.83 10.69 11.98
C THR C 120 -25.16 11.51 13.22
N LEU C 121 -25.16 12.85 13.14
CA LEU C 121 -25.08 13.71 14.35
C LEU C 121 -26.32 13.64 15.18
N ASP C 122 -27.44 13.56 14.48
CA ASP C 122 -28.75 13.34 15.08
C ASP C 122 -28.76 12.13 15.99
N LYS C 123 -28.10 11.07 15.53
CA LYS C 123 -27.97 9.86 16.35
C LYS C 123 -26.93 9.97 17.45
N ASP C 124 -25.89 10.80 17.25
CA ASP C 124 -24.73 10.79 18.16
C ASP C 124 -24.85 11.84 19.27
N VAL C 125 -25.62 12.90 19.03
CA VAL C 125 -25.61 14.08 19.91
C VAL C 125 -27.04 14.34 20.40
N PRO C 126 -27.35 14.00 21.63
CA PRO C 126 -28.78 14.29 22.01
C PRO C 126 -28.97 15.83 22.04
N ALA C 127 -30.04 16.33 21.42
CA ALA C 127 -30.22 17.77 21.16
C ALA C 127 -31.25 18.45 22.06
N GLY C 128 -31.94 17.68 22.91
CA GLY C 128 -33.09 18.18 23.72
C GLY C 128 -33.96 19.00 22.78
N ASP C 129 -34.20 20.27 23.12
CA ASP C 129 -35.06 21.15 22.33
C ASP C 129 -34.19 21.96 21.35
N GLY C 130 -32.89 21.65 21.28
CA GLY C 130 -32.01 22.26 20.35
C GLY C 130 -31.11 23.27 21.08
N PHE C 131 -29.99 23.54 20.46
CA PHE C 131 -29.04 24.49 21.04
C PHE C 131 -29.36 25.93 20.59
N ASP C 132 -28.95 26.89 21.40
CA ASP C 132 -29.21 28.27 21.08
C ASP C 132 -28.31 28.69 19.91
N ALA C 133 -27.04 28.27 19.99
CA ALA C 133 -26.07 28.45 18.91
C ALA C 133 -25.31 27.18 18.61
N VAL C 134 -25.03 26.99 17.33
CA VAL C 134 -24.18 25.90 16.87
C VAL C 134 -23.07 26.57 16.00
N ILE C 135 -21.81 26.21 16.29
CA ILE C 135 -20.64 26.81 15.64
C ILE C 135 -19.75 25.73 14.96
N CYS C 136 -19.15 26.07 13.81
CA CYS C 136 -18.27 25.18 13.04
C CYS C 136 -17.35 26.15 12.31
N LEU C 137 -16.29 26.54 12.99
CA LEU C 137 -15.44 27.58 12.52
C LEU C 137 -14.00 27.02 12.25
N GLY C 138 -13.22 27.84 11.60
CA GLY C 138 -11.85 27.47 11.22
C GLY C 138 -11.78 26.65 9.94
N ASN C 139 -12.80 26.78 9.11
CA ASN C 139 -12.78 26.07 7.84
C ASN C 139 -12.72 24.57 8.00
N SER C 140 -13.28 24.06 9.10
CA SER C 140 -13.38 22.62 9.38
C SER C 140 -14.35 21.91 8.46
N PHE C 141 -15.42 22.57 8.03
CA PHE C 141 -16.37 21.89 7.13
C PHE C 141 -15.71 21.35 5.86
N ALA C 142 -14.81 22.16 5.29
CA ALA C 142 -14.06 21.82 4.09
C ALA C 142 -13.21 20.59 4.28
N HIS C 143 -13.05 20.11 5.51
CA HIS C 143 -12.29 18.85 5.67
C HIS C 143 -13.01 17.65 5.07
N LEU C 144 -14.33 17.74 4.86
CA LEU C 144 -15.16 16.61 4.46
C LEU C 144 -15.14 16.52 2.92
N PRO C 145 -14.67 15.40 2.32
CA PRO C 145 -14.54 15.35 0.86
C PRO C 145 -15.85 14.99 0.22
N ASP C 146 -15.89 15.11 -1.10
CA ASP C 146 -17.03 14.63 -1.82
C ASP C 146 -16.56 13.28 -2.41
N SER C 147 -16.71 12.22 -1.62
CA SER C 147 -16.37 10.88 -2.04
C SER C 147 -17.38 10.34 -3.04
N LYS C 148 -18.66 10.69 -2.92
CA LYS C 148 -19.71 10.03 -3.77
C LYS C 148 -19.75 10.64 -5.15
N GLY C 149 -19.40 11.91 -5.24
CA GLY C 149 -19.37 12.62 -6.47
C GLY C 149 -20.38 13.73 -6.62
N ASP C 150 -21.49 13.68 -5.92
CA ASP C 150 -22.66 14.57 -6.15
C ASP C 150 -22.87 15.57 -4.98
N GLN C 151 -21.94 15.59 -4.04
CA GLN C 151 -22.00 16.40 -2.81
C GLN C 151 -23.13 16.00 -1.86
N SER C 152 -23.68 14.81 -2.03
CA SER C 152 -24.74 14.36 -1.14
C SER C 152 -24.29 14.25 0.36
N GLU C 153 -23.05 13.86 0.61
CA GLU C 153 -22.55 13.87 1.96
C GLU C 153 -22.48 15.32 2.54
N HIS C 154 -22.14 16.29 1.69
CA HIS C 154 -22.09 17.69 2.13
C HIS C 154 -23.48 18.10 2.58
N ARG C 155 -24.50 17.75 1.78
CA ARG C 155 -25.89 18.03 2.15
C ARG C 155 -26.27 17.38 3.45
N LEU C 156 -25.91 16.10 3.64
CA LEU C 156 -26.34 15.37 4.86
C LEU C 156 -25.74 15.94 6.14
N ALA C 157 -24.44 16.28 6.09
CA ALA C 157 -23.69 16.86 7.17
C ALA C 157 -24.33 18.19 7.56
N LEU C 158 -24.62 19.03 6.56
CA LEU C 158 -25.25 20.32 6.86
C LEU C 158 -26.68 20.21 7.36
N LYS C 159 -27.47 19.32 6.79
CA LYS C 159 -28.78 19.08 7.36
C LYS C 159 -28.70 18.71 8.83
N ASN C 160 -27.86 17.74 9.12
CA ASN C 160 -27.71 17.26 10.50
C ASN C 160 -27.16 18.33 11.49
N ILE C 161 -26.21 19.15 11.04
CA ILE C 161 -25.66 20.27 11.85
C ILE C 161 -26.80 21.29 12.09
N ALA C 162 -27.58 21.61 11.04
CA ALA C 162 -28.72 22.53 11.22
C ALA C 162 -29.82 21.94 12.11
N SER C 163 -29.98 20.63 12.12
CA SER C 163 -31.01 20.03 12.98
C SER C 163 -30.73 20.24 14.45
N MET C 164 -29.49 20.53 14.83
CA MET C 164 -29.11 20.82 16.20
C MET C 164 -29.52 22.22 16.74
N VAL C 165 -29.92 23.06 15.81
CA VAL C 165 -30.31 24.44 16.09
C VAL C 165 -31.78 24.53 16.55
N ARG C 166 -32.01 25.14 17.73
CA ARG C 166 -33.39 25.41 18.21
C ARG C 166 -34.08 26.37 17.25
N PRO C 167 -35.41 26.30 17.10
CA PRO C 167 -36.09 27.36 16.37
C PRO C 167 -35.71 28.74 16.95
N GLY C 168 -35.31 29.68 16.08
CA GLY C 168 -34.88 31.00 16.57
C GLY C 168 -33.38 31.02 16.93
N GLY C 169 -32.73 29.85 16.93
CA GLY C 169 -31.30 29.88 17.14
C GLY C 169 -30.39 30.15 15.94
N LEU C 170 -29.10 30.04 16.21
CA LEU C 170 -28.02 30.46 15.29
C LEU C 170 -27.14 29.31 14.85
N LEU C 171 -26.68 29.38 13.62
CA LEU C 171 -25.56 28.55 13.15
C LEU C 171 -24.63 29.52 12.50
N VAL C 172 -23.37 29.36 12.86
CA VAL C 172 -22.26 30.11 12.42
C VAL C 172 -21.26 29.07 11.89
N ILE C 173 -20.96 29.13 10.59
CA ILE C 173 -20.14 28.18 9.92
C ILE C 173 -19.39 28.92 8.81
N ASP C 174 -18.12 28.58 8.62
CA ASP C 174 -17.29 29.30 7.74
C ASP C 174 -16.60 28.42 6.68
N HIS C 175 -15.98 29.06 5.69
CA HIS C 175 -14.99 28.46 4.82
C HIS C 175 -13.96 29.49 4.43
N ARG C 176 -12.79 29.00 4.10
CA ARG C 176 -11.82 29.82 3.45
C ARG C 176 -12.30 30.30 2.11
N ASN C 177 -11.73 31.40 1.64
CA ASN C 177 -12.12 31.92 0.35
C ASN C 177 -11.44 31.08 -0.73
N TYR C 178 -12.18 30.05 -1.14
CA TYR C 178 -11.76 29.19 -2.22
C TYR C 178 -12.05 29.72 -3.61
N ASP C 179 -12.97 30.67 -3.75
CA ASP C 179 -13.02 31.46 -4.97
C ASP C 179 -11.65 32.05 -5.34
N TYR C 180 -10.99 32.72 -4.43
CA TYR C 180 -9.73 33.30 -4.73
C TYR C 180 -8.63 32.21 -4.92
N ILE C 181 -8.54 31.27 -3.99
CA ILE C 181 -7.55 30.18 -4.09
C ILE C 181 -7.65 29.44 -5.41
N LEU C 182 -8.87 29.10 -5.82
CA LEU C 182 -8.99 28.43 -7.15
C LEU C 182 -8.53 29.33 -8.31
N SER C 183 -8.75 30.66 -8.22
CA SER C 183 -8.36 31.55 -9.30
C SER C 183 -6.87 31.71 -9.32
N THR C 184 -6.21 31.64 -8.16
CA THR C 184 -4.76 31.73 -8.16
C THR C 184 -3.98 30.42 -8.22
N GLY C 185 -4.61 29.30 -7.88
CA GLY C 185 -3.86 28.07 -7.70
C GLY C 185 -3.01 27.92 -6.46
N CYS C 186 -3.10 28.88 -5.51
CA CYS C 186 -2.28 28.89 -4.32
C CYS C 186 -3.07 29.28 -3.03
N ALA C 187 -2.72 28.60 -1.94
CA ALA C 187 -3.32 28.78 -0.62
C ALA C 187 -2.14 29.16 0.29
N PRO C 188 -1.82 30.44 0.36
CA PRO C 188 -0.65 30.91 1.13
C PRO C 188 -0.82 30.75 2.65
N PRO C 189 0.29 30.58 3.39
CA PRO C 189 0.27 30.41 4.84
C PRO C 189 0.15 31.70 5.61
N GLY C 190 -0.14 31.56 6.90
CA GLY C 190 -0.22 32.69 7.81
C GLY C 190 -1.47 33.58 7.73
N LYS C 191 -2.56 33.10 7.13
CA LYS C 191 -3.74 33.97 6.90
C LYS C 191 -4.90 33.62 7.85
N ASN C 192 -4.71 32.66 8.78
CA ASN C 192 -5.73 32.29 9.75
C ASN C 192 -6.17 33.54 10.51
N ILE C 193 -7.44 33.92 10.37
CA ILE C 193 -8.02 35.15 10.99
C ILE C 193 -8.37 34.95 12.45
N TYR C 194 -8.40 33.67 12.86
CA TYR C 194 -8.87 33.22 14.18
C TYR C 194 -7.71 33.19 15.21
N TYR C 195 -6.59 32.65 14.78
CA TYR C 195 -5.44 32.42 15.62
C TYR C 195 -4.20 32.87 14.83
N LYS C 196 -3.47 33.82 15.37
CA LYS C 196 -2.32 34.40 14.69
C LYS C 196 -1.17 33.40 14.71
N SER C 197 -0.80 32.89 13.54
CA SER C 197 0.19 31.84 13.47
C SER C 197 1.59 32.26 13.99
N ASP C 198 2.30 31.41 14.72
CA ASP C 198 3.69 31.71 15.06
C ASP C 198 4.68 30.78 14.35
N LEU C 199 4.16 29.76 13.65
CA LEU C 199 5.01 28.73 13.01
C LEU C 199 5.24 29.15 11.52
N THR C 200 6.49 29.11 11.05
CA THR C 200 6.72 29.37 9.61
C THR C 200 6.55 28.06 8.83
N LYS C 201 5.68 28.11 7.81
CA LYS C 201 5.36 26.97 6.95
C LYS C 201 5.58 27.35 5.49
N ASP C 202 6.14 26.44 4.68
CA ASP C 202 6.10 26.57 3.22
C ASP C 202 5.00 25.66 2.74
N ILE C 203 4.12 26.13 1.88
CA ILE C 203 2.98 25.33 1.42
C ILE C 203 3.07 25.18 -0.08
N THR C 204 2.92 23.95 -0.59
CA THR C 204 2.69 23.71 -2.03
C THR C 204 1.23 23.41 -2.18
N THR C 205 0.52 24.05 -3.12
CA THR C 205 -0.90 23.84 -3.31
C THR C 205 -1.18 23.02 -4.56
N SER C 206 -1.90 21.90 -4.44
CA SER C 206 -2.28 21.12 -5.60
C SER C 206 -3.77 21.16 -5.71
N VAL C 207 -4.28 21.52 -6.88
CA VAL C 207 -5.73 21.53 -7.15
C VAL C 207 -6.10 20.45 -8.15
N LEU C 208 -7.02 19.57 -7.73
CA LEU C 208 -7.56 18.57 -8.68
C LEU C 208 -8.91 18.98 -9.26
N THR C 209 -9.04 19.01 -10.59
CA THR C 209 -10.31 19.35 -11.25
C THR C 209 -10.69 18.16 -12.04
N VAL C 210 -11.94 17.72 -11.89
CA VAL C 210 -12.45 16.52 -12.52
C VAL C 210 -13.59 16.95 -13.50
N ASN C 211 -13.46 16.60 -14.75
CA ASN C 211 -14.40 17.10 -15.78
C ASN C 211 -14.67 18.60 -15.68
N ASN C 212 -13.65 19.35 -15.33
CA ASN C 212 -13.69 20.80 -15.24
C ASN C 212 -14.37 21.37 -13.96
N LYS C 213 -14.67 20.50 -13.01
CA LYS C 213 -15.25 20.92 -11.75
C LYS C 213 -14.16 20.70 -10.70
N ALA C 214 -13.86 21.70 -9.89
CA ALA C 214 -12.88 21.55 -8.84
C ALA C 214 -13.33 20.55 -7.84
N HIS C 215 -12.41 19.74 -7.32
CA HIS C 215 -12.77 18.58 -6.49
C HIS C 215 -11.97 18.49 -5.21
N MET C 216 -10.70 18.89 -5.23
CA MET C 216 -9.82 18.77 -4.01
C MET C 216 -8.69 19.77 -4.08
N VAL C 217 -8.44 20.43 -2.97
CA VAL C 217 -7.25 21.18 -2.74
C VAL C 217 -6.40 20.44 -1.73
N THR C 218 -5.20 20.06 -2.14
CA THR C 218 -4.29 19.32 -1.33
C THR C 218 -3.10 20.17 -1.03
N LEU C 219 -2.82 20.36 0.26
CA LEU C 219 -1.71 21.20 0.71
C LEU C 219 -0.60 20.36 1.36
N ASP C 220 0.62 20.48 0.82
CA ASP C 220 1.87 19.93 1.37
C ASP C 220 2.63 21.00 2.16
N TYR C 221 2.77 20.81 3.47
CA TYR C 221 3.35 21.80 4.35
C TYR C 221 4.78 21.33 4.71
N THR C 222 5.75 22.24 4.65
CA THR C 222 7.13 21.96 5.07
C THR C 222 7.38 22.89 6.22
N VAL C 223 7.73 22.31 7.38
CA VAL C 223 8.07 23.11 8.58
C VAL C 223 9.40 22.69 9.17
N GLN C 224 10.03 23.60 9.92
CA GLN C 224 11.32 23.31 10.63
C GLN C 224 11.05 22.74 12.03
N VAL C 225 11.66 21.59 12.36
CA VAL C 225 11.38 20.87 13.64
C VAL C 225 12.63 20.21 14.24
N PRO C 234 17.33 21.68 13.95
CA PRO C 234 17.44 20.85 12.73
C PRO C 234 16.09 20.41 12.13
N GLY C 235 16.09 20.00 10.85
CA GLY C 235 15.05 19.13 10.27
C GLY C 235 13.76 19.67 9.68
N PHE C 236 13.73 19.82 8.35
CA PHE C 236 12.49 20.12 7.62
C PHE C 236 11.64 18.87 7.39
N SER C 237 10.41 18.92 7.87
CA SER C 237 9.54 17.77 7.85
C SER C 237 8.31 18.19 7.10
N LYS C 238 7.61 17.24 6.50
CA LYS C 238 6.41 17.53 5.69
C LYS C 238 5.21 16.74 6.10
N PHE C 239 4.03 17.28 5.80
CA PHE C 239 2.79 16.60 6.02
C PHE C 239 1.79 17.22 5.08
N ARG C 240 0.76 16.44 4.79
CA ARG C 240 -0.20 16.74 3.77
C ARG C 240 -1.58 16.64 4.43
N LEU C 241 -2.49 17.53 4.01
CA LEU C 241 -3.88 17.60 4.38
C LEU C 241 -4.66 18.01 3.12
N SER C 242 -5.92 17.61 3.02
CA SER C 242 -6.75 17.97 1.82
C SER C 242 -8.12 18.58 2.24
N TYR C 243 -8.79 19.25 1.29
CA TYR C 243 -9.83 20.23 1.55
C TYR C 243 -10.74 20.18 0.37
N TYR C 244 -12.02 20.31 0.59
CA TYR C 244 -12.95 20.47 -0.48
C TYR C 244 -13.09 21.98 -0.74
N PRO C 245 -13.00 22.44 -1.99
CA PRO C 245 -12.88 23.90 -2.19
C PRO C 245 -14.20 24.58 -2.39
N HIS C 246 -14.89 24.85 -1.29
CA HIS C 246 -16.25 25.38 -1.36
C HIS C 246 -16.21 26.83 -1.84
N CYS C 247 -16.90 27.11 -2.92
CA CYS C 247 -17.00 28.49 -3.38
C CYS C 247 -18.22 29.16 -2.75
N LEU C 248 -18.16 30.49 -2.64
CA LEU C 248 -19.25 31.26 -1.99
C LEU C 248 -20.68 31.02 -2.52
N ALA C 249 -20.89 31.02 -3.83
CA ALA C 249 -22.25 30.91 -4.31
C ALA C 249 -22.83 29.51 -3.94
N SER C 250 -22.02 28.48 -4.15
CA SER C 250 -22.48 27.13 -3.90
C SER C 250 -22.71 26.96 -2.41
N PHE C 251 -21.79 27.46 -1.60
CA PHE C 251 -21.99 27.21 -0.15
C PHE C 251 -23.21 27.93 0.48
N THR C 252 -23.47 29.14 0.01
CA THR C 252 -24.67 29.91 0.34
C THR C 252 -25.90 29.15 0.01
N GLU C 253 -25.97 28.48 -1.14
CA GLU C 253 -27.14 27.71 -1.46
C GLU C 253 -27.23 26.44 -0.57
N LEU C 254 -26.08 25.79 -0.32
CA LEU C 254 -26.06 24.56 0.42
C LEU C 254 -26.51 24.78 1.83
N VAL C 255 -26.00 25.86 2.47
CA VAL C 255 -26.27 26.10 3.86
C VAL C 255 -27.76 26.46 3.99
N GLN C 256 -28.32 27.28 3.06
CA GLN C 256 -29.77 27.57 3.18
C GLN C 256 -30.61 26.35 2.96
N GLU C 257 -30.16 25.47 2.07
CA GLU C 257 -30.95 24.30 1.78
C GLU C 257 -30.95 23.35 3.03
N ALA C 258 -29.92 23.37 3.87
CA ALA C 258 -29.94 22.57 5.06
C ALA C 258 -31.07 22.95 5.98
N PHE C 259 -31.50 24.19 5.96
CA PHE C 259 -32.61 24.61 6.80
C PHE C 259 -33.95 24.43 6.11
N GLY C 260 -33.91 24.07 4.83
CA GLY C 260 -35.11 23.90 4.01
C GLY C 260 -35.54 25.24 3.45
N GLY C 261 -34.61 26.21 3.41
CA GLY C 261 -34.92 27.61 3.18
C GLY C 261 -35.49 28.37 4.38
N ARG C 262 -35.76 27.68 5.47
CA ARG C 262 -36.48 28.28 6.63
C ARG C 262 -35.49 28.90 7.62
N CYS C 263 -34.97 30.06 7.21
CA CYS C 263 -33.88 30.69 7.93
C CYS C 263 -33.57 32.01 7.28
N GLN C 264 -33.02 32.93 8.07
CA GLN C 264 -32.38 34.14 7.59
C GLN C 264 -30.88 33.88 7.46
N HIS C 265 -30.24 34.42 6.42
CA HIS C 265 -28.86 34.10 6.08
C HIS C 265 -28.10 35.42 5.78
N SER C 266 -26.92 35.55 6.34
CA SER C 266 -26.06 36.66 5.98
C SER C 266 -24.62 36.17 5.99
N VAL C 267 -23.78 36.86 5.22
CA VAL C 267 -22.42 36.47 5.00
C VAL C 267 -21.47 37.54 5.49
N LEU C 268 -20.46 37.12 6.21
CA LEU C 268 -19.36 38.04 6.61
C LEU C 268 -18.08 37.65 5.94
N GLY C 269 -17.23 38.65 5.69
CA GLY C 269 -15.87 38.42 5.29
C GLY C 269 -14.92 38.89 6.35
N ASP C 270 -14.15 37.97 6.89
CA ASP C 270 -13.21 38.25 7.97
C ASP C 270 -13.83 39.10 9.08
N PHE C 271 -15.01 38.67 9.52
CA PHE C 271 -15.68 39.25 10.73
C PHE C 271 -16.56 40.45 10.45
N LYS C 272 -16.50 41.02 9.24
CA LYS C 272 -17.26 42.22 8.84
C LYS C 272 -18.30 41.93 7.72
N PRO C 273 -19.36 42.74 7.62
CA PRO C 273 -20.39 42.36 6.69
C PRO C 273 -19.79 42.33 5.31
N TYR C 274 -20.24 41.39 4.48
CA TYR C 274 -19.70 41.27 3.15
C TYR C 274 -20.68 41.85 2.13
N ARG C 275 -20.20 42.87 1.43
CA ARG C 275 -20.95 43.63 0.45
C ARG C 275 -20.40 43.24 -0.93
N PRO C 276 -21.14 42.42 -1.71
CA PRO C 276 -20.58 42.08 -3.01
C PRO C 276 -20.31 43.36 -3.85
N GLY C 277 -19.14 43.41 -4.45
CA GLY C 277 -18.69 44.58 -5.16
C GLY C 277 -17.69 45.38 -4.36
N GLN C 278 -17.58 45.09 -3.06
CA GLN C 278 -16.60 45.76 -2.19
C GLN C 278 -15.19 45.51 -2.73
N ALA C 279 -14.27 46.43 -2.51
CA ALA C 279 -12.87 46.25 -2.90
C ALA C 279 -12.16 45.06 -2.22
N TYR C 280 -12.32 44.93 -0.90
CA TYR C 280 -11.59 43.92 -0.20
C TYR C 280 -12.09 42.48 -0.46
N VAL C 281 -11.14 41.62 -0.80
CA VAL C 281 -11.38 40.19 -0.98
C VAL C 281 -10.99 39.42 0.26
N PRO C 282 -11.97 38.88 0.96
CA PRO C 282 -11.67 38.28 2.26
C PRO C 282 -10.97 36.98 2.19
N CYS C 283 -10.28 36.67 3.28
CA CYS C 283 -9.57 35.40 3.44
C CYS C 283 -10.57 34.28 3.83
N TYR C 284 -11.61 34.62 4.62
CA TYR C 284 -12.65 33.65 5.01
C TYR C 284 -14.03 34.23 4.82
N PHE C 285 -15.03 33.40 4.52
CA PHE C 285 -16.39 33.80 4.57
C PHE C 285 -17.06 33.06 5.71
N ILE C 286 -17.83 33.80 6.50
CA ILE C 286 -18.53 33.26 7.65
C ILE C 286 -20.04 33.41 7.42
N HIS C 287 -20.75 32.31 7.47
CA HIS C 287 -22.17 32.32 7.23
C HIS C 287 -22.92 32.32 8.55
N VAL C 288 -23.86 33.26 8.73
CA VAL C 288 -24.55 33.39 9.99
C VAL C 288 -26.00 33.16 9.65
N LEU C 289 -26.56 32.09 10.20
CA LEU C 289 -27.94 31.73 9.96
C LEU C 289 -28.80 31.77 11.18
N LYS C 290 -30.03 32.32 11.06
CA LYS C 290 -31.01 32.27 12.15
C LYS C 290 -32.17 31.42 11.70
N LYS C 291 -32.41 30.32 12.39
CA LYS C 291 -33.44 29.39 11.99
C LYS C 291 -34.82 29.98 12.29
N THR C 292 -35.78 29.74 11.41
CA THR C 292 -37.16 30.22 11.63
C THR C 292 -37.70 29.72 12.98
N GLY C 293 -38.36 30.62 13.69
CA GLY C 293 -39.00 30.30 14.98
C GLY C 293 -38.63 31.37 16.00
N VAL D 2 6.25 7.54 -12.38
CA VAL D 2 5.31 6.65 -13.16
C VAL D 2 4.45 5.65 -12.34
N ASP D 3 4.93 5.26 -11.17
CA ASP D 3 4.28 4.26 -10.36
C ASP D 3 3.83 4.88 -9.03
N SER D 4 4.05 6.18 -8.85
CA SER D 4 3.87 6.76 -7.52
C SER D 4 2.36 6.87 -7.20
N VAL D 5 2.04 6.92 -5.92
CA VAL D 5 0.63 7.02 -5.51
C VAL D 5 0.51 8.23 -4.65
N TYR D 6 -0.71 8.73 -4.51
CA TYR D 6 -0.87 9.97 -3.83
C TYR D 6 -1.95 9.93 -2.78
N ARG D 7 -1.57 10.31 -1.56
CA ARG D 7 -2.43 10.18 -0.40
C ARG D 7 -3.29 11.47 -0.30
N THR D 8 -4.49 11.39 0.30
CA THR D 8 -5.18 12.64 0.57
C THR D 8 -4.59 13.31 1.82
N ARG D 9 -4.08 12.50 2.72
CA ARG D 9 -3.45 13.02 3.93
C ARG D 9 -2.36 12.07 4.39
N SER D 10 -1.36 12.64 5.04
CA SER D 10 -0.26 11.86 5.52
C SER D 10 -0.72 10.78 6.45
N LEU D 11 0.03 9.70 6.52
CA LEU D 11 -0.25 8.62 7.51
C LEU D 11 -0.17 9.28 8.87
N GLY D 12 -1.09 8.99 9.75
CA GLY D 12 -0.98 9.45 11.17
C GLY D 12 -1.60 10.81 11.53
N VAL D 13 -2.02 11.58 10.53
CA VAL D 13 -2.57 12.92 10.70
C VAL D 13 -4.11 12.83 10.76
N ALA D 14 -4.77 13.85 11.30
CA ALA D 14 -6.20 13.85 11.47
C ALA D 14 -6.74 15.25 11.14
N ALA D 15 -8.04 15.47 11.31
CA ALA D 15 -8.62 16.77 11.00
C ALA D 15 -9.98 16.85 11.59
N GLU D 16 -10.43 18.07 11.99
CA GLU D 16 -11.73 18.24 12.56
C GLU D 16 -12.86 17.78 11.62
N GLY D 17 -13.86 17.12 12.22
CA GLY D 17 -15.03 16.62 11.45
C GLY D 17 -14.92 15.34 10.68
N ILE D 18 -13.75 14.74 10.61
CA ILE D 18 -13.61 13.52 9.87
C ILE D 18 -13.01 12.44 10.77
N PRO D 19 -13.50 11.21 10.62
CA PRO D 19 -12.89 10.19 11.48
C PRO D 19 -11.41 9.95 11.20
N ASP D 20 -10.68 9.50 12.20
CA ASP D 20 -9.29 9.18 12.03
C ASP D 20 -9.10 7.93 11.15
N GLN D 21 -7.87 7.77 10.69
CA GLN D 21 -7.59 6.78 9.63
C GLN D 21 -7.99 5.34 10.00
N TYR D 22 -8.84 4.74 9.17
CA TYR D 22 -9.44 3.43 9.40
C TYR D 22 -10.10 3.26 10.79
N ALA D 23 -10.62 4.34 11.39
CA ALA D 23 -11.16 4.28 12.75
C ALA D 23 -12.48 3.52 12.76
N ASP D 24 -13.15 3.51 11.62
CA ASP D 24 -14.48 3.01 11.51
C ASP D 24 -14.63 1.75 10.59
N GLY D 25 -13.51 1.21 10.10
CA GLY D 25 -13.46 -0.10 9.45
C GLY D 25 -13.94 -1.29 10.26
N GLU D 26 -14.30 -2.38 9.54
CA GLU D 26 -14.91 -3.53 10.14
C GLU D 26 -13.97 -4.25 11.10
N ALA D 27 -12.68 -4.21 10.79
CA ALA D 27 -11.72 -4.85 11.66
C ALA D 27 -11.58 -4.13 13.01
N ALA D 28 -11.43 -2.81 12.92
CA ALA D 28 -11.54 -1.93 14.09
C ALA D 28 -12.81 -2.11 14.95
N ARG D 29 -13.92 -2.25 14.27
CA ARG D 29 -15.20 -2.39 14.97
C ARG D 29 -15.19 -3.66 15.87
N VAL D 30 -14.83 -4.80 15.31
CA VAL D 30 -14.81 -6.07 16.10
C VAL D 30 -13.67 -6.09 17.11
N TRP D 31 -12.52 -5.50 16.73
CA TRP D 31 -11.46 -5.30 17.67
C TRP D 31 -11.96 -4.53 18.92
N GLN D 32 -12.80 -3.54 18.72
CA GLN D 32 -13.32 -2.75 19.86
C GLN D 32 -14.17 -3.63 20.83
N LEU D 33 -14.88 -4.60 20.27
CA LEU D 33 -15.68 -5.56 21.03
C LEU D 33 -14.78 -6.44 21.78
N TYR D 34 -13.66 -6.85 21.16
CA TYR D 34 -12.66 -7.65 21.86
C TYR D 34 -12.09 -6.89 23.01
N ILE D 35 -11.61 -5.65 22.83
CA ILE D 35 -10.98 -4.98 23.99
C ILE D 35 -11.94 -4.57 25.15
N GLY D 36 -13.23 -4.55 24.83
CA GLY D 36 -14.28 -4.26 25.77
C GLY D 36 -14.77 -5.51 26.48
N ASP D 37 -14.33 -6.70 26.07
CA ASP D 37 -14.81 -7.97 26.65
C ASP D 37 -14.23 -8.23 28.03
N THR D 38 -14.45 -7.28 28.91
CA THR D 38 -13.65 -7.11 30.10
C THR D 38 -14.59 -6.87 31.31
N ARG D 39 -15.85 -7.23 31.11
CA ARG D 39 -16.89 -6.96 32.10
C ARG D 39 -16.85 -7.90 33.30
N SER D 40 -16.26 -9.09 33.15
CA SER D 40 -16.19 -10.06 34.27
C SER D 40 -14.78 -10.39 34.75
N ARG D 41 -14.27 -9.58 35.66
CA ARG D 41 -13.00 -9.84 36.28
C ARG D 41 -13.12 -11.10 37.13
N THR D 42 -12.13 -12.01 37.01
CA THR D 42 -12.28 -13.26 37.72
C THR D 42 -11.99 -13.00 39.21
N ALA D 43 -12.71 -13.72 40.04
CA ALA D 43 -12.56 -13.65 41.48
C ALA D 43 -11.13 -13.94 41.88
N GLU D 44 -10.51 -14.92 41.21
CA GLU D 44 -9.21 -15.43 41.67
C GLU D 44 -8.19 -14.45 41.29
N TYR D 45 -8.37 -13.82 40.13
CA TYR D 45 -7.46 -12.69 39.75
C TYR D 45 -7.48 -11.61 40.82
N LYS D 46 -8.66 -11.10 41.12
CA LYS D 46 -8.76 -10.02 42.10
C LYS D 46 -8.16 -10.43 43.43
N ALA D 47 -8.46 -11.65 43.86
CA ALA D 47 -8.04 -12.11 45.17
C ALA D 47 -6.54 -12.30 45.18
N TRP D 48 -5.97 -12.74 44.05
CA TRP D 48 -4.54 -13.02 44.03
C TRP D 48 -3.74 -11.68 44.09
N LEU D 49 -4.11 -10.73 43.23
CA LEU D 49 -3.38 -9.45 43.08
C LEU D 49 -3.53 -8.66 44.35
N LEU D 50 -4.76 -8.49 44.85
CA LEU D 50 -4.93 -7.76 46.13
C LEU D 50 -4.13 -8.42 47.24
N GLY D 51 -4.21 -9.74 47.30
CA GLY D 51 -3.42 -10.50 48.31
C GLY D 51 -1.94 -10.25 48.23
N LEU D 52 -1.40 -10.19 47.03
CA LEU D 52 0.04 -10.04 46.88
C LEU D 52 0.40 -8.60 47.16
N LEU D 53 -0.43 -7.64 46.74
CA LEU D 53 -0.09 -6.24 47.07
C LEU D 53 -0.15 -5.97 48.56
N ARG D 54 -1.19 -6.49 49.20
CA ARG D 54 -1.39 -6.35 50.65
C ARG D 54 -0.26 -7.09 51.43
N GLN D 55 0.06 -8.31 51.04
CA GLN D 55 1.12 -9.05 51.69
C GLN D 55 2.47 -8.29 51.66
N HIS D 56 2.71 -7.45 50.65
CA HIS D 56 3.95 -6.61 50.61
C HIS D 56 3.80 -5.17 51.12
N GLY D 57 2.67 -4.83 51.75
CA GLY D 57 2.38 -3.42 52.15
C GLY D 57 2.42 -2.36 51.01
N CYS D 58 2.10 -2.69 49.75
CA CYS D 58 2.20 -1.70 48.65
C CYS D 58 1.08 -0.69 48.75
N HIS D 59 1.40 0.58 48.44
CA HIS D 59 0.40 1.65 48.37
C HIS D 59 0.47 2.35 47.00
N ARG D 60 1.68 2.68 46.52
CA ARG D 60 1.80 3.42 45.27
C ARG D 60 2.12 2.44 44.18
N VAL D 61 1.17 2.27 43.23
CA VAL D 61 1.27 1.31 42.15
C VAL D 61 1.37 2.02 40.79
N LEU D 62 2.33 1.60 39.97
CA LEU D 62 2.38 1.98 38.52
C LEU D 62 1.93 0.83 37.63
N ASP D 63 0.93 1.06 36.76
CA ASP D 63 0.54 0.09 35.78
C ASP D 63 1.13 0.60 34.49
N VAL D 64 2.04 -0.17 33.87
CA VAL D 64 2.74 0.37 32.67
C VAL D 64 2.09 -0.08 31.36
N ALA D 65 0.98 -0.80 31.46
CA ALA D 65 0.22 -1.27 30.29
C ALA D 65 -1.23 -0.99 30.51
N CYS D 66 -1.55 0.25 30.78
CA CYS D 66 -2.89 0.64 31.28
C CYS D 66 -4.03 0.12 30.35
N GLY D 67 -3.84 0.19 29.04
CA GLY D 67 -4.93 -0.04 28.10
C GLY D 67 -6.22 0.74 28.42
N THR D 68 -7.38 0.05 28.42
CA THR D 68 -8.66 0.62 28.81
C THR D 68 -8.78 0.97 30.28
N GLY D 69 -7.82 0.55 31.10
CA GLY D 69 -7.77 0.90 32.50
C GLY D 69 -8.26 -0.16 33.46
N VAL D 70 -8.73 -1.26 32.91
CA VAL D 70 -9.54 -2.18 33.64
C VAL D 70 -8.72 -2.83 34.80
N ASP D 71 -7.44 -3.18 34.62
CA ASP D 71 -6.61 -3.61 35.79
C ASP D 71 -6.44 -2.50 36.82
N SER D 72 -6.19 -1.27 36.33
CA SER D 72 -5.98 -0.13 37.18
C SER D 72 -7.22 0.30 37.96
N ILE D 73 -8.39 0.19 37.34
CA ILE D 73 -9.65 0.56 38.01
C ILE D 73 -9.94 -0.27 39.30
N MET D 74 -9.72 -1.60 39.29
CA MET D 74 -9.80 -2.38 40.52
C MET D 74 -8.95 -1.76 41.62
N LEU D 75 -7.72 -1.40 41.32
CA LEU D 75 -6.81 -0.87 42.32
C LEU D 75 -7.21 0.55 42.85
N VAL D 76 -7.81 1.35 41.99
CA VAL D 76 -8.29 2.66 42.34
C VAL D 76 -9.40 2.50 43.35
N GLU D 77 -10.33 1.60 43.01
CA GLU D 77 -11.52 1.34 43.85
C GLU D 77 -11.10 0.83 45.22
N GLU D 78 -9.99 0.07 45.26
CA GLU D 78 -9.52 -0.58 46.53
C GLU D 78 -8.52 0.25 47.30
N GLY D 79 -8.37 1.51 46.93
CA GLY D 79 -7.67 2.52 47.77
C GLY D 79 -6.17 2.72 47.53
N PHE D 80 -5.66 2.13 46.45
CA PHE D 80 -4.28 2.34 46.07
C PHE D 80 -4.16 3.68 45.35
N SER D 81 -2.94 4.18 45.33
CA SER D 81 -2.56 5.42 44.72
C SER D 81 -2.03 4.95 43.38
N VAL D 82 -2.80 5.17 42.32
CA VAL D 82 -2.51 4.55 41.03
C VAL D 82 -2.02 5.58 40.02
N THR D 83 -0.94 5.22 39.34
CA THR D 83 -0.47 5.85 38.18
C THR D 83 -0.53 4.83 37.01
N SER D 84 -1.13 5.20 35.88
CA SER D 84 -1.26 4.26 34.80
C SER D 84 -0.82 4.91 33.51
N VAL D 85 -0.04 4.18 32.68
CA VAL D 85 0.52 4.75 31.51
C VAL D 85 0.38 3.76 30.35
N ASP D 86 0.43 4.27 29.13
CA ASP D 86 0.37 3.38 27.96
C ASP D 86 0.87 4.16 26.78
N ALA D 87 1.42 3.45 25.83
CA ALA D 87 1.91 4.07 24.63
C ALA D 87 0.79 4.34 23.65
N SER D 88 -0.34 3.63 23.79
CA SER D 88 -1.44 3.65 22.79
C SER D 88 -2.54 4.61 23.19
N ASP D 89 -2.75 5.63 22.38
CA ASP D 89 -3.74 6.66 22.72
C ASP D 89 -5.11 6.12 22.52
N LYS D 90 -5.25 5.26 21.51
CA LYS D 90 -6.53 4.70 21.21
C LYS D 90 -7.06 3.91 22.38
N MET D 91 -6.19 3.21 23.08
CA MET D 91 -6.66 2.43 24.23
C MET D 91 -6.84 3.26 25.49
N LEU D 92 -5.90 4.17 25.76
CA LEU D 92 -6.01 5.11 26.85
C LEU D 92 -7.29 5.96 26.85
N LYS D 93 -7.80 6.22 25.66
CA LYS D 93 -9.04 6.98 25.45
C LYS D 93 -10.13 6.40 26.35
N TYR D 94 -10.12 5.07 26.53
CA TYR D 94 -11.15 4.40 27.31
C TYR D 94 -10.98 4.52 28.78
N ALA D 95 -9.72 4.46 29.23
CA ALA D 95 -9.39 4.65 30.60
C ALA D 95 -9.73 6.09 30.98
N LEU D 96 -9.31 7.05 30.16
CA LEU D 96 -9.60 8.46 30.47
C LEU D 96 -11.12 8.74 30.57
N LYS D 97 -11.89 8.15 29.65
CA LYS D 97 -13.33 8.37 29.64
C LYS D 97 -13.97 7.84 30.93
N GLU D 98 -13.54 6.67 31.39
CA GLU D 98 -14.07 6.14 32.62
C GLU D 98 -13.73 6.99 33.84
N ARG D 99 -12.48 7.42 33.92
CA ARG D 99 -12.08 8.30 34.97
C ARG D 99 -12.93 9.58 34.95
N TRP D 100 -13.24 10.11 33.76
CA TRP D 100 -14.05 11.33 33.69
C TRP D 100 -15.42 11.05 34.20
N ASN D 101 -16.02 9.94 33.77
CA ASN D 101 -17.39 9.66 34.24
C ASN D 101 -17.43 9.55 35.79
N ARG D 102 -16.34 9.01 36.38
CA ARG D 102 -16.26 8.71 37.79
C ARG D 102 -15.55 9.78 38.63
N ARG D 103 -15.35 10.96 38.07
CA ARG D 103 -14.51 11.99 38.64
C ARG D 103 -15.00 12.57 39.93
N LYS D 104 -16.32 12.50 40.20
CA LYS D 104 -16.86 12.95 41.47
C LYS D 104 -16.54 11.99 42.68
N GLU D 105 -16.13 10.76 42.40
CA GLU D 105 -15.52 9.87 43.40
C GLU D 105 -14.07 10.26 43.63
N PRO D 106 -13.72 10.67 44.85
CA PRO D 106 -12.41 11.20 45.11
C PRO D 106 -11.31 10.26 44.63
N ALA D 107 -11.51 8.95 44.74
CA ALA D 107 -10.44 8.02 44.38
C ALA D 107 -10.12 8.20 42.86
N PHE D 108 -11.16 8.44 42.06
CA PHE D 108 -10.92 8.65 40.67
C PHE D 108 -10.35 10.00 40.35
N ASP D 109 -10.65 11.01 41.15
CA ASP D 109 -10.02 12.31 40.94
C ASP D 109 -8.50 12.27 41.09
N LYS D 110 -7.98 11.41 41.97
CA LYS D 110 -6.55 11.23 42.22
C LYS D 110 -5.87 10.16 41.33
N TRP D 111 -6.62 9.51 40.41
CA TRP D 111 -6.07 8.48 39.50
C TRP D 111 -5.28 9.23 38.38
N VAL D 112 -4.01 8.89 38.22
CA VAL D 112 -3.18 9.51 37.22
C VAL D 112 -3.07 8.62 36.01
N ILE D 113 -3.31 9.18 34.85
CA ILE D 113 -3.27 8.48 33.58
C ILE D 113 -2.52 9.33 32.58
N GLU D 114 -1.44 8.78 31.98
CA GLU D 114 -0.53 9.54 31.12
C GLU D 114 0.05 8.61 30.06
N GLU D 115 0.38 9.21 28.91
CA GLU D 115 1.06 8.59 27.79
C GLU D 115 2.52 8.33 28.17
N ALA D 116 3.01 7.15 27.89
CA ALA D 116 4.42 6.79 28.18
C ALA D 116 4.79 5.56 27.39
N ASN D 117 6.06 5.42 27.04
CA ASN D 117 6.47 4.25 26.25
C ASN D 117 7.58 3.56 26.99
N TRP D 118 7.50 2.24 27.06
CA TRP D 118 8.51 1.48 27.81
C TRP D 118 9.90 1.86 27.39
N LEU D 119 10.07 2.03 26.09
CA LEU D 119 11.36 2.36 25.51
C LEU D 119 11.89 3.72 25.92
N THR D 120 11.02 4.63 26.45
CA THR D 120 11.45 5.96 26.90
C THR D 120 10.98 6.25 28.36
N LEU D 121 10.71 5.19 29.10
CA LEU D 121 9.87 5.33 30.29
C LEU D 121 10.58 6.17 31.31
N ASP D 122 11.89 6.06 31.36
CA ASP D 122 12.69 6.77 32.36
C ASP D 122 12.52 8.28 32.22
N LYS D 123 12.41 8.75 30.97
CA LYS D 123 12.08 10.12 30.63
C LYS D 123 10.57 10.45 30.78
N ASP D 124 9.69 9.62 30.21
CA ASP D 124 8.27 9.92 30.20
C ASP D 124 7.65 9.88 31.60
N VAL D 125 8.30 9.22 32.55
CA VAL D 125 7.76 9.16 33.90
C VAL D 125 8.89 9.28 34.92
N PRO D 126 9.07 10.48 35.48
CA PRO D 126 10.06 10.64 36.59
C PRO D 126 9.80 9.63 37.73
N ALA D 127 10.81 8.80 38.02
CA ALA D 127 10.68 7.72 39.03
C ALA D 127 10.42 8.25 40.45
N GLY D 128 11.04 9.40 40.75
CA GLY D 128 11.27 9.82 42.11
C GLY D 128 12.12 8.70 42.73
N ASP D 129 11.76 8.32 43.95
CA ASP D 129 12.43 7.21 44.62
C ASP D 129 11.97 5.83 44.15
N GLY D 130 10.80 5.78 43.49
CA GLY D 130 10.26 4.56 42.88
C GLY D 130 8.82 4.23 43.28
N PHE D 131 8.17 3.30 42.58
CA PHE D 131 6.86 2.79 43.03
C PHE D 131 6.94 1.53 43.92
N ASP D 132 5.91 1.26 44.73
CA ASP D 132 5.93 0.11 45.64
C ASP D 132 5.67 -1.14 44.82
N ALA D 133 4.85 -1.03 43.79
CA ALA D 133 4.55 -2.10 42.85
C ALA D 133 4.44 -1.54 41.46
N VAL D 134 5.00 -2.28 40.51
CA VAL D 134 4.79 -1.98 39.08
C VAL D 134 4.13 -3.22 38.52
N ILE D 135 3.05 -3.06 37.73
CA ILE D 135 2.40 -4.20 37.13
C ILE D 135 2.33 -4.02 35.59
N CYS D 136 2.44 -5.14 34.90
CA CYS D 136 2.40 -5.26 33.44
C CYS D 136 1.76 -6.63 33.10
N LEU D 137 0.46 -6.71 33.20
CA LEU D 137 -0.32 -7.94 33.21
C LEU D 137 -1.14 -8.04 31.97
N GLY D 138 -1.81 -9.17 31.74
CA GLY D 138 -2.60 -9.37 30.51
C GLY D 138 -1.83 -9.75 29.22
N ASN D 139 -0.55 -10.06 29.34
CA ASN D 139 0.26 -10.48 28.20
C ASN D 139 0.63 -9.28 27.31
N SER D 140 0.67 -8.08 27.91
CA SER D 140 0.92 -6.88 27.17
C SER D 140 2.35 -6.75 26.71
N PHE D 141 3.31 -7.25 27.53
CA PHE D 141 4.73 -7.18 27.13
C PHE D 141 5.05 -7.80 25.75
N ALA D 142 4.40 -8.93 25.46
CA ALA D 142 4.55 -9.64 24.20
C ALA D 142 3.96 -8.85 23.00
N HIS D 143 3.26 -7.75 23.25
CA HIS D 143 2.86 -6.90 22.10
C HIS D 143 4.08 -6.23 21.41
N LEU D 144 5.21 -6.14 22.11
CA LEU D 144 6.42 -5.54 21.55
C LEU D 144 7.22 -6.54 20.69
N PRO D 145 7.33 -6.28 19.38
CA PRO D 145 8.13 -7.21 18.55
C PRO D 145 9.60 -7.01 18.67
N ASP D 146 10.34 -7.95 18.09
CA ASP D 146 11.79 -7.81 17.99
C ASP D 146 12.09 -7.42 16.54
N SER D 147 11.95 -6.16 16.22
CA SER D 147 12.12 -5.72 14.82
C SER D 147 13.57 -5.51 14.45
N LYS D 148 14.47 -5.34 15.43
CA LYS D 148 15.93 -5.29 15.21
C LYS D 148 16.61 -6.66 15.16
N GLY D 149 16.02 -7.71 15.73
CA GLY D 149 16.57 -9.10 15.64
C GLY D 149 17.46 -9.59 16.79
N ASP D 150 17.72 -8.77 17.80
CA ASP D 150 18.62 -9.21 18.90
C ASP D 150 17.97 -9.07 20.29
N GLN D 151 16.66 -8.89 20.26
CA GLN D 151 15.87 -8.54 21.43
C GLN D 151 16.44 -7.38 22.25
N SER D 152 17.16 -6.47 21.61
CA SER D 152 17.63 -5.26 22.29
C SER D 152 16.46 -4.33 22.79
N GLU D 153 15.37 -4.29 22.03
CA GLU D 153 14.21 -3.49 22.46
C GLU D 153 13.57 -4.15 23.70
N HIS D 154 13.48 -5.48 23.68
CA HIS D 154 12.95 -6.19 24.84
C HIS D 154 13.73 -5.86 26.10
N ARG D 155 15.03 -5.94 25.99
CA ARG D 155 15.92 -5.65 27.12
C ARG D 155 15.81 -4.20 27.61
N LEU D 156 15.82 -3.21 26.71
CA LEU D 156 15.61 -1.79 27.07
C LEU D 156 14.24 -1.56 27.79
N ALA D 157 13.19 -2.12 27.24
CA ALA D 157 11.86 -1.99 27.81
C ALA D 157 11.85 -2.58 29.21
N LEU D 158 12.41 -3.78 29.41
CA LEU D 158 12.39 -4.44 30.70
C LEU D 158 13.28 -3.72 31.71
N LYS D 159 14.44 -3.25 31.28
CA LYS D 159 15.24 -2.37 32.12
C LYS D 159 14.54 -1.12 32.62
N ASN D 160 13.86 -0.40 31.72
CA ASN D 160 13.11 0.84 32.06
C ASN D 160 11.91 0.52 32.99
N ILE D 161 11.25 -0.59 32.75
CA ILE D 161 10.19 -1.01 33.63
C ILE D 161 10.73 -1.31 35.00
N ALA D 162 11.88 -2.02 35.10
CA ALA D 162 12.48 -2.28 36.38
C ALA D 162 12.94 -1.06 37.15
N SER D 163 13.45 -0.08 36.45
CA SER D 163 13.95 1.15 37.11
C SER D 163 12.79 1.91 37.85
N MET D 164 11.52 1.66 37.48
CA MET D 164 10.33 2.23 38.19
C MET D 164 10.06 1.60 39.59
N VAL D 165 10.68 0.45 39.88
CA VAL D 165 10.42 -0.25 41.10
C VAL D 165 11.33 0.35 42.16
N ARG D 166 10.78 0.74 43.31
CA ARG D 166 11.59 1.15 44.48
C ARG D 166 12.40 -0.03 45.00
N PRO D 167 13.60 0.24 45.57
CA PRO D 167 14.29 -0.82 46.26
C PRO D 167 13.40 -1.44 47.37
N GLY D 168 13.31 -2.77 47.35
CA GLY D 168 12.36 -3.52 48.19
C GLY D 168 10.99 -3.66 47.54
N GLY D 169 10.78 -2.98 46.42
CA GLY D 169 9.51 -3.08 45.73
C GLY D 169 9.29 -4.27 44.79
N LEU D 170 8.09 -4.28 44.21
CA LEU D 170 7.61 -5.40 43.40
C LEU D 170 7.43 -5.08 41.93
N LEU D 171 7.85 -6.01 41.09
CA LEU D 171 7.41 -6.05 39.69
C LEU D 171 6.64 -7.33 39.48
N VAL D 172 5.46 -7.22 38.87
CA VAL D 172 4.65 -8.32 38.51
C VAL D 172 4.40 -8.16 37.00
N ILE D 173 4.83 -9.16 36.18
CA ILE D 173 4.87 -9.07 34.71
C ILE D 173 4.59 -10.46 34.19
N ASP D 174 3.68 -10.57 33.26
CA ASP D 174 3.31 -11.88 32.70
C ASP D 174 3.56 -12.06 31.24
N HIS D 175 3.40 -13.33 30.83
CA HIS D 175 3.27 -13.70 29.40
C HIS D 175 2.40 -14.92 29.29
N ARG D 176 1.67 -15.02 28.18
CA ARG D 176 1.01 -16.28 27.82
C ARG D 176 2.08 -17.36 27.76
N ASN D 177 1.67 -18.63 27.94
CA ASN D 177 2.54 -19.75 27.79
C ASN D 177 2.77 -20.02 26.30
N TYR D 178 3.81 -19.40 25.79
CA TYR D 178 4.10 -19.61 24.36
C TYR D 178 4.96 -20.84 24.21
N ASP D 179 5.45 -21.45 25.28
CA ASP D 179 6.12 -22.70 25.11
C ASP D 179 5.09 -23.71 24.56
N TYR D 180 3.88 -23.72 25.13
CA TYR D 180 2.77 -24.60 24.61
C TYR D 180 2.28 -24.21 23.23
N ILE D 181 2.12 -22.91 22.98
CA ILE D 181 1.66 -22.42 21.69
C ILE D 181 2.65 -22.82 20.59
N LEU D 182 3.93 -22.64 20.83
CA LEU D 182 4.93 -23.05 19.84
C LEU D 182 4.96 -24.57 19.64
N SER D 183 4.86 -25.35 20.70
CA SER D 183 4.89 -26.82 20.48
C SER D 183 3.61 -27.33 19.80
N THR D 184 2.47 -26.71 20.00
CA THR D 184 1.20 -27.23 19.37
C THR D 184 0.86 -26.49 18.07
N GLY D 185 1.42 -25.31 17.90
CA GLY D 185 1.10 -24.49 16.73
C GLY D 185 -0.22 -23.73 16.85
N CYS D 186 -0.88 -23.79 18.01
CA CYS D 186 -2.25 -23.31 18.11
C CYS D 186 -2.45 -22.53 19.44
N ALA D 187 -3.05 -21.34 19.35
CA ALA D 187 -3.43 -20.52 20.51
C ALA D 187 -4.97 -20.50 20.59
N PRO D 188 -5.53 -21.38 21.43
CA PRO D 188 -6.98 -21.43 21.57
C PRO D 188 -7.61 -20.18 22.27
N PRO D 189 -8.88 -19.87 21.95
CA PRO D 189 -9.64 -18.73 22.55
C PRO D 189 -10.23 -19.08 23.92
N GLY D 190 -10.64 -18.05 24.67
CA GLY D 190 -11.46 -18.24 25.87
C GLY D 190 -10.67 -18.36 27.16
N LYS D 191 -9.36 -18.43 27.06
CA LYS D 191 -8.50 -18.81 28.21
C LYS D 191 -8.01 -17.63 29.07
N ASN D 192 -8.46 -16.41 28.77
CA ASN D 192 -8.00 -15.27 29.56
C ASN D 192 -8.39 -15.59 31.03
N ILE D 193 -7.38 -15.65 31.91
CA ILE D 193 -7.57 -15.95 33.36
C ILE D 193 -7.88 -14.71 34.17
N TYR D 194 -7.82 -13.53 33.53
CA TYR D 194 -8.02 -12.26 34.23
C TYR D 194 -9.48 -11.78 34.15
N TYR D 195 -10.03 -11.85 32.93
CA TYR D 195 -11.38 -11.47 32.61
C TYR D 195 -11.98 -12.60 31.81
N LYS D 196 -13.08 -13.14 32.32
CA LYS D 196 -13.80 -14.21 31.70
C LYS D 196 -14.50 -13.69 30.45
N SER D 197 -14.12 -14.27 29.34
CA SER D 197 -14.62 -13.88 28.03
C SER D 197 -16.13 -14.14 27.81
N ASP D 198 -16.86 -13.11 27.35
CA ASP D 198 -18.25 -13.25 26.91
C ASP D 198 -18.32 -13.35 25.38
N LEU D 199 -17.29 -12.86 24.70
CA LEU D 199 -17.28 -12.81 23.24
C LEU D 199 -16.85 -14.15 22.59
N THR D 200 -17.69 -14.73 21.78
CA THR D 200 -17.35 -15.96 21.03
C THR D 200 -16.40 -15.78 19.78
N LYS D 201 -15.18 -16.31 19.86
CA LYS D 201 -14.09 -16.05 18.93
C LYS D 201 -13.54 -17.42 18.44
N ASP D 202 -13.24 -17.50 17.15
CA ASP D 202 -12.49 -18.58 16.55
C ASP D 202 -11.13 -18.02 16.03
N ILE D 203 -10.03 -18.65 16.46
CA ILE D 203 -8.68 -18.13 16.25
C ILE D 203 -7.90 -19.05 15.33
N THR D 204 -7.32 -18.47 14.24
CA THR D 204 -6.26 -19.10 13.44
C THR D 204 -4.89 -18.60 13.97
N THR D 205 -3.95 -19.51 14.22
CA THR D 205 -2.65 -19.13 14.73
C THR D 205 -1.60 -19.32 13.67
N SER D 206 -0.81 -18.28 13.39
CA SER D 206 0.27 -18.36 12.39
C SER D 206 1.57 -18.04 13.09
N VAL D 207 2.54 -18.95 13.00
CA VAL D 207 3.78 -18.87 13.67
C VAL D 207 4.83 -18.69 12.58
N LEU D 208 5.58 -17.61 12.68
CA LEU D 208 6.74 -17.43 11.84
C LEU D 208 8.04 -17.75 12.56
N THR D 209 8.79 -18.62 11.91
CA THR D 209 10.14 -19.03 12.33
C THR D 209 11.12 -18.53 11.29
N VAL D 210 12.14 -17.80 11.73
CA VAL D 210 13.15 -17.18 10.87
C VAL D 210 14.48 -17.88 11.20
N ASN D 211 15.01 -18.64 10.23
CA ASN D 211 16.18 -19.50 10.40
C ASN D 211 16.06 -20.37 11.68
N ASN D 212 14.90 -20.98 11.85
CA ASN D 212 14.60 -21.91 12.92
C ASN D 212 14.38 -21.32 14.30
N LYS D 213 14.30 -20.00 14.40
CA LYS D 213 14.04 -19.32 15.66
C LYS D 213 12.69 -18.64 15.55
N ALA D 214 11.85 -18.87 16.56
CA ALA D 214 10.46 -18.35 16.60
C ALA D 214 10.52 -16.84 16.64
N HIS D 215 9.72 -16.18 15.81
CA HIS D 215 9.86 -14.74 15.62
C HIS D 215 8.62 -13.93 15.91
N MET D 216 7.46 -14.48 15.49
CA MET D 216 6.15 -13.85 15.58
C MET D 216 5.06 -14.90 15.70
N VAL D 217 4.06 -14.61 16.51
CA VAL D 217 2.77 -15.30 16.52
C VAL D 217 1.69 -14.30 16.12
N THR D 218 0.93 -14.62 15.09
CA THR D 218 -0.11 -13.76 14.52
C THR D 218 -1.44 -14.52 14.66
N LEU D 219 -2.42 -13.90 15.33
CA LEU D 219 -3.67 -14.50 15.63
C LEU D 219 -4.71 -13.75 14.80
N ASP D 220 -5.53 -14.48 14.01
CA ASP D 220 -6.62 -13.95 13.23
C ASP D 220 -7.93 -14.34 13.91
N TYR D 221 -8.66 -13.37 14.45
CA TYR D 221 -9.90 -13.63 15.19
C TYR D 221 -11.10 -13.51 14.27
N THR D 222 -12.00 -14.50 14.25
CA THR D 222 -13.27 -14.35 13.52
C THR D 222 -14.34 -14.36 14.62
N VAL D 223 -15.03 -13.22 14.76
CA VAL D 223 -15.93 -13.00 15.89
C VAL D 223 -17.32 -12.92 15.36
N GLN D 224 -18.21 -13.81 15.86
CA GLN D 224 -19.68 -13.77 15.58
C GLN D 224 -20.32 -12.57 16.34
N VAL D 225 -20.96 -11.68 15.58
CA VAL D 225 -21.62 -10.44 16.08
C VAL D 225 -23.00 -10.30 15.38
N PRO D 226 -24.08 -9.87 16.11
CA PRO D 226 -25.37 -9.50 15.42
C PRO D 226 -25.27 -9.00 13.95
N PRO D 234 -27.38 -13.00 11.63
CA PRO D 234 -26.42 -12.29 12.50
C PRO D 234 -25.14 -11.63 11.82
N GLY D 235 -23.93 -12.05 12.25
CA GLY D 235 -22.65 -11.52 11.72
C GLY D 235 -21.32 -12.19 12.18
N PHE D 236 -20.25 -11.89 11.42
CA PHE D 236 -19.08 -12.78 11.17
C PHE D 236 -17.78 -12.06 10.58
N SER D 237 -16.99 -11.42 11.44
CA SER D 237 -15.96 -10.48 10.97
C SER D 237 -14.65 -10.67 11.66
N LYS D 238 -13.58 -10.21 11.04
CA LYS D 238 -12.26 -10.67 11.41
C LYS D 238 -11.29 -9.54 11.70
N PHE D 239 -10.37 -9.79 12.62
CA PHE D 239 -9.23 -8.87 12.87
C PHE D 239 -7.99 -9.62 13.22
N ARG D 240 -6.87 -8.93 13.15
CA ARG D 240 -5.57 -9.53 13.31
C ARG D 240 -4.70 -8.74 14.31
N LEU D 241 -4.07 -9.50 15.20
CA LEU D 241 -3.03 -9.01 16.11
C LEU D 241 -1.83 -9.93 16.13
N SER D 242 -0.66 -9.38 16.38
CA SER D 242 0.57 -10.16 16.50
C SER D 242 1.30 -9.95 17.84
N TYR D 243 2.16 -10.93 18.17
CA TYR D 243 2.78 -11.14 19.48
C TYR D 243 4.13 -11.73 19.28
N TYR D 244 5.06 -11.41 20.16
CA TYR D 244 6.36 -12.07 20.26
C TYR D 244 6.22 -13.24 21.17
N PRO D 245 6.56 -14.44 20.68
CA PRO D 245 6.36 -15.62 21.51
C PRO D 245 7.39 -15.83 22.61
N HIS D 246 7.35 -15.07 23.72
CA HIS D 246 8.34 -15.30 24.82
C HIS D 246 8.21 -16.66 25.53
N CYS D 247 9.27 -17.43 25.49
CA CYS D 247 9.30 -18.70 26.17
C CYS D 247 9.84 -18.51 27.62
N LEU D 248 9.47 -19.40 28.50
CA LEU D 248 9.63 -19.19 29.93
C LEU D 248 11.12 -19.05 30.28
N ALA D 249 11.98 -19.97 29.81
CA ALA D 249 13.42 -19.91 30.23
C ALA D 249 14.10 -18.59 29.77
N SER D 250 13.82 -18.12 28.55
CA SER D 250 14.38 -16.82 28.10
C SER D 250 13.83 -15.65 28.96
N PHE D 251 12.51 -15.60 29.10
CA PHE D 251 11.93 -14.48 29.86
C PHE D 251 12.43 -14.50 31.30
N THR D 252 12.52 -15.67 31.92
CA THR D 252 13.09 -15.74 33.28
C THR D 252 14.47 -15.04 33.30
N GLU D 253 15.24 -15.24 32.24
CA GLU D 253 16.60 -14.78 32.20
C GLU D 253 16.59 -13.25 32.04
N LEU D 254 15.81 -12.81 31.08
CA LEU D 254 15.61 -11.40 30.71
C LEU D 254 15.12 -10.52 31.86
N VAL D 255 14.09 -10.98 32.53
CA VAL D 255 13.46 -10.16 33.56
C VAL D 255 14.38 -9.98 34.76
N GLN D 256 15.11 -11.02 35.16
CA GLN D 256 16.15 -10.87 36.19
C GLN D 256 17.33 -10.00 35.79
N GLU D 257 17.77 -10.08 34.55
CA GLU D 257 18.82 -9.21 34.00
C GLU D 257 18.42 -7.73 34.05
N ALA D 258 17.15 -7.44 33.81
CA ALA D 258 16.69 -6.06 33.87
C ALA D 258 16.94 -5.45 35.24
N PHE D 259 17.13 -6.27 36.27
CA PHE D 259 17.43 -5.76 37.60
C PHE D 259 18.92 -5.83 38.01
N GLY D 260 19.81 -6.17 37.09
CA GLY D 260 21.20 -6.48 37.44
C GLY D 260 21.34 -7.72 38.31
N GLY D 261 20.37 -8.65 38.23
CA GLY D 261 20.33 -9.77 39.18
C GLY D 261 19.92 -9.34 40.58
N ARG D 262 19.68 -8.05 40.85
CA ARG D 262 19.44 -7.62 42.27
C ARG D 262 17.98 -7.70 42.58
N CYS D 263 17.53 -8.94 42.73
CA CYS D 263 16.11 -9.25 42.84
C CYS D 263 15.95 -10.69 43.30
N GLN D 264 14.87 -10.92 44.04
CA GLN D 264 14.34 -12.26 44.23
C GLN D 264 13.30 -12.52 43.16
N HIS D 265 13.34 -13.67 42.54
CA HIS D 265 12.39 -13.98 41.48
C HIS D 265 11.60 -15.28 41.79
N SER D 266 10.29 -15.28 41.54
CA SER D 266 9.51 -16.50 41.44
C SER D 266 8.53 -16.42 40.32
N VAL D 267 8.04 -17.58 39.86
CA VAL D 267 7.12 -17.64 38.74
C VAL D 267 5.84 -18.43 39.05
N LEU D 268 4.70 -17.89 38.66
CA LEU D 268 3.45 -18.50 38.93
C LEU D 268 2.92 -19.00 37.63
N GLY D 269 2.15 -20.06 37.67
CA GLY D 269 1.38 -20.51 36.49
C GLY D 269 -0.06 -20.30 36.87
N ASP D 270 -0.75 -19.37 36.21
CA ASP D 270 -2.14 -19.01 36.58
C ASP D 270 -2.41 -18.78 38.08
N PHE D 271 -1.66 -17.85 38.66
CA PHE D 271 -1.88 -17.44 40.07
C PHE D 271 -1.34 -18.44 41.07
N LYS D 272 -0.97 -19.64 40.65
CA LYS D 272 -0.54 -20.68 41.61
C LYS D 272 0.93 -20.99 41.41
N PRO D 273 1.56 -21.57 42.45
CA PRO D 273 2.97 -21.77 42.34
C PRO D 273 3.29 -22.69 41.17
N TYR D 274 4.41 -22.43 40.54
CA TYR D 274 4.79 -23.21 39.39
C TYR D 274 6.08 -23.99 39.63
N ARG D 275 6.10 -25.28 39.37
CA ARG D 275 7.39 -25.96 39.39
C ARG D 275 7.54 -26.84 38.15
N PRO D 276 8.71 -26.83 37.57
CA PRO D 276 8.87 -27.54 36.32
C PRO D 276 8.32 -28.98 36.36
N GLY D 277 7.81 -29.47 35.23
CA GLY D 277 7.32 -30.84 35.15
C GLY D 277 6.02 -31.15 35.87
N GLN D 278 5.38 -30.12 36.46
CA GLN D 278 4.05 -30.30 37.06
C GLN D 278 3.05 -30.68 35.99
N ALA D 279 2.01 -31.37 36.43
CA ALA D 279 0.97 -31.94 35.56
C ALA D 279 0.22 -30.82 34.82
N TYR D 280 -0.11 -29.77 35.56
CA TYR D 280 -0.92 -28.65 35.11
C TYR D 280 -0.17 -27.72 34.17
N VAL D 281 -0.71 -27.52 32.96
CA VAL D 281 -0.09 -26.64 31.95
C VAL D 281 -0.74 -25.28 32.04
N PRO D 282 0.00 -24.29 32.55
CA PRO D 282 -0.63 -23.00 32.79
C PRO D 282 -0.90 -22.29 31.53
N CYS D 283 -1.97 -21.50 31.50
CA CYS D 283 -2.22 -20.59 30.35
C CYS D 283 -1.30 -19.38 30.32
N TYR D 284 -0.91 -18.88 31.50
CA TYR D 284 -0.07 -17.69 31.62
C TYR D 284 0.94 -17.93 32.68
N PHE D 285 2.13 -17.40 32.46
CA PHE D 285 3.14 -17.36 33.50
C PHE D 285 3.26 -15.96 34.01
N ILE D 286 3.40 -15.78 35.32
CA ILE D 286 3.36 -14.49 35.96
C ILE D 286 4.66 -14.43 36.80
N HIS D 287 5.55 -13.50 36.45
CA HIS D 287 6.84 -13.41 37.13
C HIS D 287 6.67 -12.37 38.17
N VAL D 288 7.14 -12.68 39.38
CA VAL D 288 7.12 -11.78 40.54
C VAL D 288 8.51 -11.56 41.09
N LEU D 289 8.94 -10.30 41.06
CA LEU D 289 10.31 -9.94 41.40
C LEU D 289 10.25 -8.92 42.50
N LYS D 290 10.95 -9.20 43.60
CA LYS D 290 11.21 -8.23 44.65
C LYS D 290 12.62 -7.66 44.49
N LYS D 291 12.75 -6.42 44.09
CA LYS D 291 14.04 -5.78 43.97
C LYS D 291 14.73 -5.69 45.33
N THR D 292 16.00 -6.07 45.35
CA THR D 292 16.84 -5.83 46.53
C THR D 292 16.63 -4.45 47.14
N GLY D 293 16.63 -4.43 48.47
CA GLY D 293 16.30 -3.26 49.30
C GLY D 293 15.24 -3.53 50.38
#